data_7KNG
#
_entry.id   7KNG
#
_cell.length_a   73.862
_cell.length_b   75.471
_cell.length_c   101.360
_cell.angle_alpha   90.000
_cell.angle_beta   99.110
_cell.angle_gamma   90.000
#
_symmetry.space_group_name_H-M   'P 1 2 1'
#
loop_
_entity.id
_entity.type
_entity.pdbx_description
1 polymer '2,3-bisphosphoglycerate-independent phosphoglycerate mutase'
2 polymer DTY-ASP-TYR-PRO-GLY-ASP-PHE-CYS-TYR-LEU-TYR-GLY-THR-CYS
3 non-polymer 'CHLORIDE ION'
4 non-polymer 'SODIUM ION'
5 non-polymer 'ZINC ION'
6 water water
#
loop_
_entity_poly.entity_id
_entity_poly.type
_entity_poly.pdbx_seq_one_letter_code
_entity_poly.pdbx_strand_id
1 'polypeptide(L)'
;MAMANNSSVANKVCLIVIDGWGVSEDPYGNAILNAQTPVMDKLCSGNWAQIEAHGLHVGLPEGLMGNSEVGHLNIGAGRV
IYQDIVRINLAVKNNKFVTNESLVDACDRAKNGNGRLHLAGLVSDGGVHSHIDHMFALVKAIKELGVPELYLHFYGDGRD
TSPNSGVGFLEQTLEFLEKTTGYGKLATVVGRYYAMDRDNRWERINVAYEAMIGGVGETSDEAGVVEVVRKRYAADETDE
FLKPIILQGEKGRVQNDDTIIFFDYRADRMREISAAMGMDRYKDCNSKLAHPSNLQVYGMTQYKAEFPFKSLFPPASNKN
VLAEWLAEQKVSQFHCAETEKYAHVTFFFNGGLEKQFEGEERCLVPSPKVATYDLQPEMSAAGVADKMIEQLEAGTHPFI
MCNFAPPDMVGHTGVYEAAVKACEATDIAIGRIYEATQKHGYSLMVTADHGNAEKMKAPDGGKHTAHTCYRVPLTLSHPG
FKFVDPADRHPALCDVAPTVLAIMGLPQPAEMTGVSIVQKIKLAAALEHHHHHHHHHH
;
A,B
2 'polypeptide(L)' (ACE)(DTY)DYPGDFCYLYGTC(NH2) C,D
#
loop_
_chem_comp.id
_chem_comp.type
_chem_comp.name
_chem_comp.formula
ACE non-polymer 'ACETYL GROUP' 'C2 H4 O'
CL non-polymer 'CHLORIDE ION' 'Cl -1'
NA non-polymer 'SODIUM ION' 'Na 1'
NH2 non-polymer 'AMINO GROUP' 'H2 N'
ZN non-polymer 'ZINC ION' 'Zn 2'
#
# COMPACT_ATOMS: atom_id res chain seq x y z
N ALA A 2 -22.99 8.69 -4.52
CA ALA A 2 -24.08 7.76 -4.22
C ALA A 2 -23.77 6.35 -4.74
N MET A 3 -24.72 5.43 -4.56
CA MET A 3 -24.56 4.03 -4.93
C MET A 3 -25.93 3.34 -4.91
N ALA A 4 -25.99 2.18 -5.57
CA ALA A 4 -27.28 1.65 -6.02
C ALA A 4 -28.24 1.33 -4.88
N ASN A 5 -27.72 0.85 -3.75
CA ASN A 5 -28.58 0.35 -2.68
C ASN A 5 -28.82 1.36 -1.58
N ASN A 6 -28.35 2.59 -1.75
CA ASN A 6 -28.46 3.61 -0.71
C ASN A 6 -29.84 3.60 -0.03
N SER A 7 -30.92 3.64 -0.81
CA SER A 7 -32.23 3.78 -0.19
C SER A 7 -32.73 2.51 0.47
N SER A 8 -32.15 1.36 0.16
CA SER A 8 -32.59 0.12 0.80
C SER A 8 -32.34 0.11 2.29
N VAL A 9 -31.51 1.04 2.78
CA VAL A 9 -31.18 1.11 4.20
C VAL A 9 -32.44 1.37 5.01
N ALA A 10 -32.50 0.79 6.20
CA ALA A 10 -33.64 0.99 7.09
C ALA A 10 -33.52 2.23 7.95
N ASN A 11 -32.31 2.66 8.26
CA ASN A 11 -32.08 3.93 8.94
C ASN A 11 -30.75 4.50 8.48
N LYS A 12 -30.72 5.76 8.08
CA LYS A 12 -29.44 6.43 7.86
C LYS A 12 -28.81 6.73 9.22
N VAL A 13 -27.47 6.69 9.26
CA VAL A 13 -26.72 6.75 10.53
C VAL A 13 -25.58 7.75 10.39
N CYS A 14 -25.50 8.66 11.37
CA CYS A 14 -24.40 9.60 11.51
C CYS A 14 -23.62 9.17 12.74
N LEU A 15 -22.33 8.86 12.57
CA LEU A 15 -21.47 8.40 13.64
C LEU A 15 -20.42 9.45 13.95
N ILE A 16 -20.44 9.98 15.16
CA ILE A 16 -19.42 10.90 15.62
C ILE A 16 -18.45 10.15 16.51
N VAL A 17 -17.16 10.20 16.17
CA VAL A 17 -16.11 9.64 17.02
C VAL A 17 -15.41 10.84 17.64
N ILE A 18 -15.68 11.07 18.89
CA ILE A 18 -14.98 12.11 19.62
C ILE A 18 -13.61 11.57 19.96
N ASP A 19 -12.58 12.40 19.85
CA ASP A 19 -11.23 11.96 20.17
C ASP A 19 -10.90 12.36 21.60
N GLY A 20 -10.58 11.37 22.44
CA GLY A 20 -10.18 11.58 23.83
C GLY A 20 -11.29 12.02 24.78
N TRP A 21 -12.46 11.38 24.74
CA TRP A 21 -13.63 11.74 25.55
C TRP A 21 -14.09 10.47 26.29
N GLY A 22 -13.62 10.31 27.53
CA GLY A 22 -13.92 9.15 28.33
C GLY A 22 -14.92 9.44 29.42
N VAL A 23 -15.50 8.37 29.97
CA VAL A 23 -16.55 8.43 30.99
C VAL A 23 -15.90 8.28 32.34
N SER A 24 -15.76 9.37 33.07
CA SER A 24 -15.39 9.36 34.48
C SER A 24 -16.44 10.08 35.31
N GLU A 25 -16.91 9.41 36.38
CA GLU A 25 -17.72 10.04 37.40
C GLU A 25 -16.90 10.90 38.38
N ASP A 26 -15.57 10.77 38.38
CA ASP A 26 -14.72 11.56 39.28
C ASP A 26 -14.51 12.97 38.71
N PRO A 27 -14.93 14.02 39.41
CA PRO A 27 -14.89 15.36 38.81
C PRO A 27 -13.55 16.08 38.89
N TYR A 28 -12.60 15.63 39.72
CA TYR A 28 -11.35 16.34 39.87
C TYR A 28 -10.58 16.32 38.54
N GLY A 29 -10.20 17.51 38.07
CA GLY A 29 -9.54 17.62 36.76
C GLY A 29 -10.33 17.07 35.60
N ASN A 30 -11.65 17.00 35.70
CA ASN A 30 -12.47 16.36 34.68
C ASN A 30 -13.01 17.47 33.79
N ALA A 31 -12.33 17.66 32.65
CA ALA A 31 -12.65 18.75 31.73
C ALA A 31 -14.01 18.58 31.07
N ILE A 32 -14.45 17.34 30.94
CA ILE A 32 -15.74 17.09 30.31
C ILE A 32 -16.87 17.44 31.28
N LEU A 33 -16.80 16.88 32.47
CA LEU A 33 -17.82 17.13 33.47
C LEU A 33 -17.93 18.61 33.76
N ASN A 34 -16.80 19.27 33.97
CA ASN A 34 -16.83 20.67 34.38
C ASN A 34 -17.07 21.62 33.22
N ALA A 35 -16.80 21.23 31.99
CA ALA A 35 -17.23 22.02 30.85
C ALA A 35 -18.75 22.05 30.80
N GLN A 36 -19.28 23.11 30.19
CA GLN A 36 -20.68 23.13 29.76
C GLN A 36 -20.90 22.13 28.63
N THR A 37 -21.58 21.01 28.91
CA THR A 37 -21.86 20.00 27.90
C THR A 37 -23.32 19.58 27.91
N PRO A 38 -24.24 20.53 27.71
CA PRO A 38 -25.67 20.17 27.79
C PRO A 38 -26.12 19.15 26.77
N VAL A 39 -25.45 19.06 25.61
CA VAL A 39 -25.85 18.10 24.59
C VAL A 39 -25.47 16.70 25.00
N MET A 40 -24.18 16.47 25.31
CA MET A 40 -23.77 15.13 25.71
C MET A 40 -24.37 14.72 27.05
N ASP A 41 -24.63 15.70 27.94
CA ASP A 41 -25.41 15.41 29.15
C ASP A 41 -26.73 14.75 28.81
N LYS A 42 -27.38 15.19 27.74
CA LYS A 42 -28.65 14.59 27.39
C LYS A 42 -28.47 13.32 26.56
N LEU A 43 -27.50 13.28 25.63
CA LEU A 43 -27.34 12.06 24.83
C LEU A 43 -26.81 10.92 25.67
N CYS A 44 -25.97 11.22 26.66
CA CYS A 44 -25.45 10.23 27.60
C CYS A 44 -26.37 10.16 28.83
N SER A 45 -27.63 9.80 28.56
CA SER A 45 -28.61 9.57 29.61
C SER A 45 -29.66 8.63 29.03
N GLY A 46 -30.46 8.07 29.92
CA GLY A 46 -31.44 7.09 29.48
C GLY A 46 -30.75 5.92 28.80
N ASN A 47 -31.12 5.66 27.56
CA ASN A 47 -30.60 4.55 26.77
C ASN A 47 -29.32 5.00 26.05
N TRP A 48 -28.18 4.80 26.72
CA TRP A 48 -26.85 4.91 26.16
C TRP A 48 -26.01 3.80 26.78
N ALA A 49 -24.80 3.59 26.21
CA ALA A 49 -23.88 2.54 26.65
C ALA A 49 -22.54 3.13 27.01
N GLN A 50 -21.78 2.35 27.75
CA GLN A 50 -20.40 2.65 28.08
C GLN A 50 -19.53 1.46 27.67
N ILE A 51 -18.61 1.69 26.73
CA ILE A 51 -17.89 0.59 26.10
C ILE A 51 -16.38 0.75 26.31
N GLU A 52 -15.66 -0.38 26.27
CA GLU A 52 -14.23 -0.38 26.59
C GLU A 52 -13.43 0.04 25.34
N ALA A 53 -12.36 0.80 25.57
CA ALA A 53 -11.49 1.28 24.51
C ALA A 53 -9.99 1.16 24.87
N HIS A 54 -9.62 0.24 25.75
CA HIS A 54 -8.23 0.10 26.15
C HIS A 54 -7.93 -1.36 26.46
N GLY A 55 -6.63 -1.65 26.66
CA GLY A 55 -6.28 -2.94 27.19
C GLY A 55 -6.73 -4.05 26.28
N LEU A 56 -7.02 -5.21 26.87
CA LEU A 56 -7.30 -6.38 26.03
C LEU A 56 -8.60 -6.24 25.25
N HIS A 57 -9.48 -5.31 25.66
CA HIS A 57 -10.74 -5.11 24.97
C HIS A 57 -10.52 -4.67 23.52
N VAL A 58 -9.42 -3.96 23.25
CA VAL A 58 -9.07 -3.48 21.93
C VAL A 58 -7.78 -4.13 21.42
N GLY A 59 -7.43 -5.30 21.97
CA GLY A 59 -6.34 -6.09 21.48
C GLY A 59 -4.97 -5.70 21.98
N LEU A 60 -4.87 -4.75 22.91
CA LEU A 60 -3.62 -4.33 23.50
C LEU A 60 -3.37 -5.06 24.82
N PRO A 61 -2.13 -5.02 25.32
CA PRO A 61 -1.84 -5.63 26.62
C PRO A 61 -2.75 -5.08 27.70
N GLU A 62 -2.97 -5.89 28.73
CA GLU A 62 -3.86 -5.49 29.81
C GLU A 62 -3.28 -4.29 30.53
N GLY A 63 -4.16 -3.39 30.97
CA GLY A 63 -3.73 -2.17 31.60
C GLY A 63 -3.18 -1.09 30.69
N LEU A 64 -3.13 -1.31 29.38
CA LEU A 64 -2.58 -0.29 28.50
C LEU A 64 -3.70 0.63 28.03
N MET A 65 -3.48 1.92 28.18
CA MET A 65 -4.42 2.92 27.72
C MET A 65 -4.66 2.79 26.21
N GLY A 66 -5.81 3.28 25.76
CA GLY A 66 -6.10 3.26 24.34
C GLY A 66 -5.31 4.33 23.60
N ASN A 67 -5.43 4.32 22.27
CA ASN A 67 -4.88 5.42 21.49
C ASN A 67 -5.68 5.60 20.19
N SER A 68 -5.38 6.67 19.45
CA SER A 68 -6.22 6.99 18.30
C SER A 68 -6.09 5.95 17.21
N GLU A 69 -4.87 5.49 16.94
CA GLU A 69 -4.70 4.53 15.89
C GLU A 69 -5.42 3.22 16.22
N VAL A 70 -5.19 2.72 17.43
CA VAL A 70 -5.86 1.48 17.87
C VAL A 70 -7.39 1.67 17.89
N GLY A 71 -7.85 2.80 18.41
CA GLY A 71 -9.29 2.98 18.61
C GLY A 71 -10.05 3.11 17.31
N HIS A 72 -9.53 3.95 16.40
CA HIS A 72 -10.20 4.08 15.11
C HIS A 72 -10.15 2.76 14.36
N LEU A 73 -9.04 2.03 14.49
CA LEU A 73 -8.95 0.72 13.85
C LEU A 73 -10.04 -0.21 14.37
N ASN A 74 -10.19 -0.33 15.70
CA ASN A 74 -11.19 -1.24 16.25
C ASN A 74 -12.60 -0.79 15.91
N ILE A 75 -12.86 0.53 15.92
CA ILE A 75 -14.22 1.00 15.60
C ILE A 75 -14.58 0.63 14.17
N GLY A 76 -13.69 0.96 13.23
CA GLY A 76 -13.98 0.70 11.85
C GLY A 76 -14.02 -0.77 11.49
N ALA A 77 -13.35 -1.61 12.27
CA ALA A 77 -13.15 -3.01 11.89
C ALA A 77 -14.24 -3.94 12.39
N GLY A 78 -14.97 -3.56 13.44
CA GLY A 78 -15.93 -4.47 14.04
C GLY A 78 -15.34 -5.76 14.56
N ARG A 79 -14.13 -5.72 15.09
CA ARG A 79 -13.46 -6.92 15.57
C ARG A 79 -12.28 -6.46 16.42
N VAL A 80 -11.91 -7.27 17.39
CA VAL A 80 -10.66 -7.01 18.07
C VAL A 80 -9.51 -7.32 17.12
N ILE A 81 -8.61 -6.36 16.94
CA ILE A 81 -7.36 -6.58 16.24
C ILE A 81 -6.30 -6.78 17.32
N TYR A 82 -5.76 -8.00 17.41
CA TYR A 82 -4.85 -8.32 18.50
C TYR A 82 -3.45 -7.84 18.14
N GLN A 83 -2.88 -7.00 18.99
CA GLN A 83 -1.53 -6.51 18.79
C GLN A 83 -0.53 -7.66 18.94
N ASP A 84 0.58 -7.58 18.18
CA ASP A 84 1.55 -8.67 18.13
C ASP A 84 1.86 -9.29 19.51
N ILE A 85 2.31 -8.48 20.48
CA ILE A 85 2.63 -9.02 21.80
C ILE A 85 1.49 -9.89 22.33
N VAL A 86 0.26 -9.36 22.34
CA VAL A 86 -0.88 -10.08 22.89
C VAL A 86 -1.11 -11.36 22.10
N ARG A 87 -1.01 -11.26 20.78
CA ARG A 87 -1.30 -12.38 19.89
C ARG A 87 -0.35 -13.55 20.14
N ILE A 88 0.94 -13.28 20.11
CA ILE A 88 1.95 -14.34 20.29
C ILE A 88 1.86 -14.92 21.71
N ASN A 89 1.63 -14.07 22.71
CA ASN A 89 1.55 -14.58 24.09
C ASN A 89 0.39 -15.54 24.27
N LEU A 90 -0.71 -15.28 23.58
CA LEU A 90 -1.82 -16.21 23.57
C LEU A 90 -1.42 -17.52 22.91
N ALA A 91 -0.75 -17.43 21.75
CA ALA A 91 -0.27 -18.64 21.10
C ALA A 91 0.62 -19.45 22.04
N VAL A 92 1.48 -18.77 22.78
CA VAL A 92 2.38 -19.51 23.65
C VAL A 92 1.60 -20.20 24.75
N LYS A 93 0.66 -19.48 25.37
CA LYS A 93 -0.04 -20.03 26.53
C LYS A 93 -0.95 -21.18 26.15
N ASN A 94 -1.52 -21.15 24.95
CA ASN A 94 -2.43 -22.19 24.49
C ASN A 94 -1.73 -23.25 23.61
N ASN A 95 -0.42 -23.36 23.70
CA ASN A 95 0.36 -24.38 22.96
C ASN A 95 0.02 -24.39 21.46
N LYS A 96 -0.03 -23.21 20.85
CA LYS A 96 -0.43 -23.11 19.46
C LYS A 96 0.75 -22.93 18.49
N PHE A 97 1.99 -22.90 18.99
CA PHE A 97 3.13 -22.86 18.05
C PHE A 97 3.21 -24.17 17.28
N VAL A 98 2.93 -25.29 17.96
CA VAL A 98 3.13 -26.59 17.36
C VAL A 98 2.18 -26.84 16.20
N THR A 99 1.06 -26.12 16.13
CA THR A 99 0.13 -26.18 15.01
C THR A 99 0.24 -24.97 14.11
N ASN A 100 1.13 -24.02 14.41
CA ASN A 100 1.27 -22.84 13.58
C ASN A 100 1.66 -23.24 12.15
N GLU A 101 0.94 -22.71 11.18
CA GLU A 101 1.08 -23.18 9.80
C GLU A 101 2.49 -22.92 9.27
N SER A 102 2.99 -21.69 9.42
CA SER A 102 4.30 -21.36 8.90
C SER A 102 5.40 -22.13 9.62
N LEU A 103 5.28 -22.31 10.95
CA LEU A 103 6.31 -23.07 11.67
C LEU A 103 6.36 -24.52 11.20
N VAL A 104 5.19 -25.15 11.08
CA VAL A 104 5.14 -26.50 10.55
C VAL A 104 5.78 -26.52 9.17
N ASP A 105 5.53 -25.47 8.37
CA ASP A 105 6.12 -25.38 7.03
C ASP A 105 7.65 -25.32 7.09
N ALA A 106 8.20 -24.53 8.02
CA ALA A 106 9.64 -24.44 8.17
C ALA A 106 10.24 -25.77 8.65
N CYS A 107 9.58 -26.43 9.58
CA CYS A 107 10.09 -27.71 10.05
C CYS A 107 9.96 -28.75 8.97
N ASP A 108 8.85 -28.73 8.23
CA ASP A 108 8.73 -29.64 7.10
C ASP A 108 9.85 -29.40 6.10
N ARG A 109 10.21 -28.14 5.85
CA ARG A 109 11.29 -27.89 4.92
C ARG A 109 12.60 -28.49 5.44
N ALA A 110 12.89 -28.29 6.72
CA ALA A 110 14.10 -28.86 7.29
C ALA A 110 14.03 -30.38 7.22
N LYS A 111 12.90 -30.94 7.60
CA LYS A 111 12.81 -32.39 7.65
C LYS A 111 12.97 -33.01 6.27
N ASN A 112 12.44 -32.35 5.24
CA ASN A 112 12.54 -32.87 3.89
C ASN A 112 13.86 -32.52 3.23
N GLY A 113 14.61 -31.58 3.81
CA GLY A 113 15.90 -31.19 3.29
C GLY A 113 17.08 -31.71 4.10
N ASN A 114 17.98 -30.82 4.47
CA ASN A 114 19.20 -31.22 5.13
C ASN A 114 19.06 -31.34 6.65
N GLY A 115 17.85 -31.19 7.19
CA GLY A 115 17.52 -31.37 8.58
C GLY A 115 17.89 -30.21 9.49
N ARG A 116 18.40 -29.11 8.95
CA ARG A 116 19.03 -28.06 9.74
C ARG A 116 18.14 -26.82 9.82
N LEU A 117 17.93 -26.34 11.04
CA LEU A 117 17.07 -25.19 11.29
C LEU A 117 17.72 -24.25 12.30
N HIS A 118 17.63 -22.93 12.05
CA HIS A 118 18.21 -21.90 12.92
C HIS A 118 17.14 -21.02 13.52
N LEU A 119 17.37 -20.62 14.77
CA LEU A 119 16.64 -19.55 15.42
C LEU A 119 17.59 -18.40 15.70
N ALA A 120 17.13 -17.19 15.46
CA ALA A 120 17.96 -16.01 15.63
C ALA A 120 17.07 -14.88 16.09
N GLY A 121 17.56 -14.10 17.05
CA GLY A 121 16.81 -12.96 17.54
C GLY A 121 17.31 -12.52 18.90
N LEU A 122 16.65 -11.47 19.42
CA LEU A 122 17.05 -10.80 20.64
C LEU A 122 16.66 -11.64 21.84
N VAL A 123 17.62 -12.02 22.68
CA VAL A 123 17.37 -12.93 23.78
C VAL A 123 17.38 -12.12 25.07
N SER A 124 16.19 -11.76 25.53
CA SER A 124 15.98 -11.14 26.82
C SER A 124 14.47 -11.09 27.07
N ASP A 125 14.10 -10.52 28.21
CA ASP A 125 12.69 -10.29 28.52
C ASP A 125 12.32 -8.83 28.31
N GLY A 126 13.06 -8.14 27.44
CA GLY A 126 12.75 -6.75 27.15
C GLY A 126 11.33 -6.54 26.69
N GLY A 127 10.81 -7.45 25.87
CA GLY A 127 9.46 -7.30 25.33
C GLY A 127 9.26 -6.22 24.27
N VAL A 128 10.28 -5.46 23.91
CA VAL A 128 10.09 -4.45 22.88
C VAL A 128 10.20 -5.07 21.49
N HIS A 129 11.26 -5.87 21.26
CA HIS A 129 11.54 -6.50 19.98
C HIS A 129 11.21 -7.98 19.94
N SER A 130 11.11 -8.61 21.10
CA SER A 130 11.08 -10.07 21.24
C SER A 130 10.81 -10.40 22.69
N HIS A 131 10.70 -11.71 22.97
CA HIS A 131 10.71 -12.20 24.33
C HIS A 131 11.33 -13.59 24.38
N ILE A 132 12.25 -13.77 25.31
CA ILE A 132 12.89 -15.08 25.49
C ILE A 132 11.85 -16.18 25.61
N ASP A 133 10.72 -15.93 26.27
CA ASP A 133 9.70 -16.97 26.38
C ASP A 133 9.25 -17.45 25.00
N HIS A 134 9.21 -16.54 24.01
CA HIS A 134 8.81 -16.95 22.66
C HIS A 134 9.81 -17.90 22.05
N MET A 135 11.08 -17.62 22.25
CA MET A 135 12.12 -18.49 21.70
C MET A 135 12.04 -19.89 22.28
N PHE A 136 11.88 -19.99 23.62
CA PHE A 136 11.70 -21.28 24.29
C PHE A 136 10.51 -22.05 23.72
N ALA A 137 9.39 -21.36 23.55
CA ALA A 137 8.23 -22.04 22.96
C ALA A 137 8.56 -22.50 21.54
N LEU A 138 9.33 -21.71 20.79
CA LEU A 138 9.76 -22.15 19.46
C LEU A 138 10.59 -23.44 19.55
N VAL A 139 11.59 -23.47 20.44
CA VAL A 139 12.42 -24.68 20.59
C VAL A 139 11.56 -25.89 20.98
N LYS A 140 10.61 -25.72 21.90
CA LYS A 140 9.80 -26.85 22.32
C LYS A 140 8.97 -27.38 21.17
N ALA A 141 8.38 -26.48 20.39
CA ALA A 141 7.51 -26.89 19.29
C ALA A 141 8.32 -27.54 18.17
N ILE A 142 9.48 -26.96 17.87
CA ILE A 142 10.37 -27.53 16.84
C ILE A 142 10.80 -28.93 17.23
N LYS A 143 11.16 -29.12 18.51
CA LYS A 143 11.47 -30.46 18.98
C LYS A 143 10.31 -31.39 18.75
N GLU A 144 9.11 -30.99 19.13
CA GLU A 144 7.97 -31.88 18.99
C GLU A 144 7.64 -32.12 17.53
N LEU A 145 7.98 -31.19 16.63
CA LEU A 145 7.78 -31.44 15.21
C LEU A 145 8.91 -32.25 14.58
N GLY A 146 9.92 -32.65 15.35
CA GLY A 146 10.89 -33.62 14.86
C GLY A 146 11.99 -33.06 13.98
N VAL A 147 12.35 -31.80 14.13
CA VAL A 147 13.42 -31.28 13.27
C VAL A 147 14.75 -31.88 13.71
N PRO A 148 15.57 -32.40 12.79
CA PRO A 148 16.78 -33.12 13.24
C PRO A 148 17.75 -32.26 14.05
N GLU A 149 17.96 -31.01 13.68
CA GLU A 149 19.13 -30.25 14.14
C GLU A 149 18.72 -28.79 14.26
N LEU A 150 18.89 -28.20 15.45
CA LEU A 150 18.44 -26.83 15.70
C LEU A 150 19.56 -26.01 16.32
N TYR A 151 19.81 -24.82 15.79
CA TYR A 151 20.84 -23.91 16.29
C TYR A 151 20.22 -22.57 16.67
N LEU A 152 20.75 -21.95 17.73
CA LEU A 152 20.31 -20.63 18.15
C LEU A 152 21.41 -19.58 18.02
N HIS A 153 21.01 -18.42 17.49
CA HIS A 153 21.85 -17.24 17.38
C HIS A 153 21.29 -16.15 18.30
N PHE A 154 22.04 -15.89 19.37
CA PHE A 154 21.60 -15.11 20.51
C PHE A 154 22.09 -13.69 20.32
N TYR A 155 21.15 -12.73 20.19
CA TYR A 155 21.51 -11.33 20.05
C TYR A 155 21.38 -10.67 21.42
N GLY A 156 22.48 -10.02 21.84
CA GLY A 156 22.52 -9.43 23.16
C GLY A 156 21.79 -8.10 23.20
N ASP A 157 21.11 -7.86 24.31
CA ASP A 157 20.21 -6.72 24.40
C ASP A 157 20.91 -5.56 25.09
N GLY A 158 20.82 -5.50 26.42
CA GLY A 158 21.40 -4.39 27.17
C GLY A 158 20.73 -3.05 26.93
N ARG A 159 19.69 -2.98 26.09
CA ARG A 159 19.01 -1.72 25.80
C ARG A 159 17.58 -1.70 26.33
N ASP A 160 16.80 -2.74 26.05
CA ASP A 160 15.51 -2.92 26.69
C ASP A 160 15.62 -3.62 28.04
N THR A 161 16.80 -4.10 28.39
CA THR A 161 17.12 -4.66 29.69
C THR A 161 18.49 -4.13 30.07
N SER A 162 18.92 -4.46 31.28
CA SER A 162 20.16 -3.90 31.80
C SER A 162 21.37 -4.40 30.99
N PRO A 163 22.41 -3.57 30.86
CA PRO A 163 23.60 -3.98 30.09
C PRO A 163 24.29 -5.23 30.59
N ASN A 164 24.07 -5.67 31.83
CA ASN A 164 24.72 -6.86 32.34
C ASN A 164 23.71 -7.97 32.66
N SER A 165 22.51 -7.90 32.08
CA SER A 165 21.55 -9.00 32.20
C SER A 165 21.84 -10.14 31.23
N GLY A 166 22.60 -9.87 30.18
CA GLY A 166 22.86 -10.89 29.17
C GLY A 166 23.31 -12.22 29.75
N VAL A 167 24.25 -12.16 30.71
CA VAL A 167 24.82 -13.41 31.24
C VAL A 167 23.74 -14.25 31.91
N GLY A 168 22.70 -13.61 32.46
CA GLY A 168 21.62 -14.37 33.04
C GLY A 168 20.71 -15.01 32.01
N PHE A 169 20.35 -14.27 30.97
CA PHE A 169 19.61 -14.91 29.88
C PHE A 169 20.45 -15.97 29.20
N LEU A 170 21.75 -15.75 29.11
CA LEU A 170 22.64 -16.79 28.57
C LEU A 170 22.56 -18.07 29.41
N GLU A 171 22.68 -17.92 30.75
CA GLU A 171 22.63 -19.06 31.65
C GLU A 171 21.32 -19.81 31.52
N GLN A 172 20.20 -19.08 31.60
CA GLN A 172 18.89 -19.66 31.33
C GLN A 172 18.84 -20.48 30.04
N THR A 173 19.30 -19.87 28.95
CA THR A 173 19.22 -20.53 27.63
C THR A 173 20.06 -21.80 27.61
N LEU A 174 21.30 -21.71 28.12
CA LEU A 174 22.15 -22.90 28.20
C LEU A 174 21.48 -24.02 28.97
N GLU A 175 20.95 -23.68 30.13
CA GLU A 175 20.33 -24.66 31.01
C GLU A 175 19.05 -25.21 30.38
N PHE A 176 18.29 -24.33 29.72
CA PHE A 176 17.06 -24.75 29.07
C PHE A 176 17.34 -25.76 27.96
N LEU A 177 18.34 -25.48 27.13
CA LEU A 177 18.65 -26.39 26.03
C LEU A 177 19.18 -27.73 26.55
N GLU A 178 20.07 -27.69 27.55
CA GLU A 178 20.65 -28.92 28.07
C GLU A 178 19.65 -29.75 28.88
N LYS A 179 18.96 -29.12 29.84
CA LYS A 179 18.20 -29.86 30.84
C LYS A 179 16.71 -29.89 30.58
N THR A 180 16.14 -28.85 29.99
CA THR A 180 14.69 -28.82 29.80
C THR A 180 14.25 -29.47 28.49
N THR A 181 14.88 -29.13 27.37
CA THR A 181 14.54 -29.75 26.10
C THR A 181 15.50 -30.89 25.75
N GLY A 182 16.70 -30.86 26.30
CA GLY A 182 17.76 -31.73 25.83
C GLY A 182 17.88 -31.75 24.33
N TYR A 183 17.73 -30.58 23.70
CA TYR A 183 17.49 -30.48 22.27
C TYR A 183 17.76 -29.04 21.87
N GLY A 184 18.61 -28.84 20.88
CA GLY A 184 18.95 -27.49 20.47
C GLY A 184 20.28 -27.06 21.02
N LYS A 185 21.01 -26.26 20.23
CA LYS A 185 22.39 -25.87 20.55
C LYS A 185 22.58 -24.38 20.32
N LEU A 186 23.23 -23.69 21.27
CA LEU A 186 23.64 -22.30 21.05
C LEU A 186 24.82 -22.25 20.09
N ALA A 187 24.72 -21.43 19.04
CA ALA A 187 25.77 -21.33 18.02
C ALA A 187 26.51 -19.99 17.99
N THR A 188 25.87 -18.90 18.40
CA THR A 188 26.39 -17.55 18.23
C THR A 188 25.84 -16.65 19.33
N VAL A 189 26.70 -15.77 19.81
CA VAL A 189 26.33 -14.67 20.69
C VAL A 189 26.96 -13.40 20.13
N VAL A 190 26.14 -12.38 19.86
CA VAL A 190 26.64 -11.12 19.32
C VAL A 190 25.66 -10.02 19.69
N GLY A 191 26.18 -8.82 19.92
CA GLY A 191 25.33 -7.73 20.38
C GLY A 191 24.39 -7.22 19.31
N ARG A 192 23.28 -6.66 19.79
CA ARG A 192 22.27 -6.06 18.92
C ARG A 192 22.83 -4.87 18.17
N TYR A 193 23.83 -4.20 18.74
CA TYR A 193 24.51 -3.13 18.00
C TYR A 193 24.86 -3.58 16.59
N TYR A 194 25.38 -4.80 16.45
CA TYR A 194 25.79 -5.35 15.17
C TYR A 194 24.63 -6.03 14.44
N ALA A 195 23.88 -6.87 15.14
CA ALA A 195 22.89 -7.70 14.50
C ALA A 195 21.61 -6.94 14.13
N MET A 196 21.32 -5.82 14.78
CA MET A 196 19.98 -5.23 14.79
C MET A 196 20.05 -3.75 14.49
N ASP A 197 21.02 -3.38 13.66
CA ASP A 197 21.08 -2.05 13.08
C ASP A 197 19.89 -1.81 12.17
N ARG A 198 19.42 -0.57 12.18
CA ARG A 198 18.36 -0.16 11.26
C ARG A 198 18.73 1.14 10.54
N ASP A 199 19.98 1.57 10.59
CA ASP A 199 20.38 2.83 9.98
C ASP A 199 21.30 2.61 8.78
N ASN A 200 21.15 1.47 8.13
CA ASN A 200 21.94 1.14 6.95
C ASN A 200 23.43 1.25 7.22
N ARG A 201 23.86 0.83 8.42
CA ARG A 201 25.29 0.71 8.73
C ARG A 201 25.67 -0.74 8.54
N TRP A 202 25.97 -1.08 7.28
CA TRP A 202 26.19 -2.46 6.90
C TRP A 202 27.51 -3.00 7.40
N GLU A 203 28.45 -2.14 7.79
CA GLU A 203 29.63 -2.63 8.48
C GLU A 203 29.30 -3.21 9.87
N ARG A 204 28.20 -2.78 10.48
CA ARG A 204 27.79 -3.38 11.75
C ARG A 204 27.12 -4.72 11.52
N ILE A 205 26.14 -4.76 10.62
CA ILE A 205 25.49 -6.01 10.20
C ILE A 205 26.53 -7.08 9.85
N ASN A 206 27.57 -6.69 9.12
CA ASN A 206 28.50 -7.70 8.61
C ASN A 206 29.17 -8.47 9.74
N VAL A 207 29.45 -7.81 10.86
CA VAL A 207 29.97 -8.51 12.03
C VAL A 207 29.05 -9.67 12.42
N ALA A 208 27.75 -9.41 12.53
CA ALA A 208 26.83 -10.49 12.87
C ALA A 208 26.76 -11.51 11.75
N TYR A 209 26.73 -11.03 10.51
CA TYR A 209 26.60 -11.90 9.36
C TYR A 209 27.79 -12.85 9.27
N GLU A 210 29.00 -12.30 9.38
CA GLU A 210 30.19 -13.15 9.31
C GLU A 210 30.29 -14.13 10.47
N ALA A 211 29.73 -13.78 11.64
CA ALA A 211 29.69 -14.74 12.73
C ALA A 211 28.75 -15.87 12.41
N MET A 212 27.56 -15.56 11.85
CA MET A 212 26.57 -16.58 11.57
C MET A 212 27.00 -17.48 10.41
N ILE A 213 27.61 -16.90 9.39
CA ILE A 213 27.91 -17.56 8.12
C ILE A 213 29.28 -18.23 8.14
N GLY A 214 30.23 -17.57 8.77
CA GLY A 214 31.63 -18.00 8.67
C GLY A 214 32.25 -18.32 10.01
N GLY A 215 31.56 -18.00 11.09
CA GLY A 215 32.13 -18.26 12.40
C GLY A 215 33.23 -17.29 12.77
N VAL A 216 33.19 -16.08 12.23
CA VAL A 216 34.20 -15.08 12.56
C VAL A 216 33.88 -14.51 13.93
N GLY A 217 34.72 -14.84 14.91
CA GLY A 217 34.55 -14.39 16.27
C GLY A 217 35.37 -15.26 17.21
N GLU A 218 35.07 -15.12 18.51
CA GLU A 218 35.81 -15.84 19.55
C GLU A 218 35.22 -17.23 19.75
N THR A 219 36.07 -18.25 19.66
CA THR A 219 35.62 -19.61 19.86
C THR A 219 35.36 -19.88 21.34
N SER A 220 34.28 -20.60 21.63
CA SER A 220 34.00 -21.02 22.98
C SER A 220 33.09 -22.24 22.92
N ASP A 221 32.52 -22.60 24.07
CA ASP A 221 31.60 -23.73 24.17
C ASP A 221 30.69 -23.49 25.36
N GLU A 222 29.79 -24.45 25.62
CA GLU A 222 28.77 -24.25 26.65
C GLU A 222 29.42 -24.08 28.04
N ALA A 223 30.56 -24.76 28.27
CA ALA A 223 31.26 -24.66 29.55
C ALA A 223 31.87 -23.29 29.76
N GLY A 224 32.23 -22.58 28.69
CA GLY A 224 33.00 -21.37 28.83
C GLY A 224 32.34 -20.05 28.48
N VAL A 225 31.18 -20.07 27.83
CA VAL A 225 30.71 -18.85 27.18
C VAL A 225 30.27 -17.80 28.21
N VAL A 226 29.64 -18.22 29.30
CA VAL A 226 29.31 -17.24 30.35
C VAL A 226 30.58 -16.54 30.85
N GLU A 227 31.64 -17.30 31.10
CA GLU A 227 32.90 -16.70 31.54
C GLU A 227 33.44 -15.74 30.49
N VAL A 228 33.39 -16.13 29.22
CA VAL A 228 33.75 -15.21 28.14
C VAL A 228 32.97 -13.91 28.26
N VAL A 229 31.66 -14.00 28.47
CA VAL A 229 30.85 -12.77 28.57
C VAL A 229 31.30 -11.94 29.79
N ARG A 230 31.50 -12.59 30.92
CA ARG A 230 31.91 -11.84 32.12
C ARG A 230 33.18 -11.05 31.86
N LYS A 231 34.16 -11.67 31.21
CA LYS A 231 35.38 -10.95 30.84
C LYS A 231 35.08 -9.75 29.95
N ARG A 232 34.15 -9.87 28.98
CA ARG A 232 33.79 -8.68 28.21
C ARG A 232 33.19 -7.60 29.10
N TYR A 233 32.33 -7.99 30.06
CA TYR A 233 31.79 -6.98 30.99
C TYR A 233 32.93 -6.27 31.75
N ALA A 234 33.83 -7.05 32.35
CA ALA A 234 34.98 -6.45 33.04
C ALA A 234 35.80 -5.54 32.13
N ALA A 235 35.83 -5.85 30.83
CA ALA A 235 36.45 -4.97 29.86
C ALA A 235 35.56 -3.81 29.46
N ASP A 236 34.33 -3.73 29.98
CA ASP A 236 33.41 -2.62 29.72
C ASP A 236 32.66 -2.79 28.40
N GLU A 237 32.52 -4.05 27.94
CA GLU A 237 31.78 -4.39 26.72
C GLU A 237 30.52 -5.13 27.15
N THR A 238 29.41 -4.43 27.10
CA THR A 238 28.15 -4.94 27.62
C THR A 238 27.29 -5.53 26.52
N ASP A 239 26.10 -5.95 26.92
CA ASP A 239 25.27 -6.82 26.10
C ASP A 239 25.10 -6.26 24.69
N GLU A 240 24.82 -4.97 24.61
CA GLU A 240 24.46 -4.39 23.33
C GLU A 240 25.61 -4.51 22.35
N PHE A 241 26.82 -4.59 22.89
CA PHE A 241 28.04 -4.43 22.13
C PHE A 241 28.88 -5.68 22.09
N LEU A 242 28.34 -6.82 22.53
CA LEU A 242 29.15 -8.03 22.56
C LEU A 242 29.69 -8.37 21.19
N LYS A 243 31.00 -8.56 21.10
CA LYS A 243 31.56 -9.01 19.86
C LYS A 243 31.39 -10.51 19.75
N PRO A 244 31.34 -11.04 18.53
CA PRO A 244 30.86 -12.40 18.33
C PRO A 244 31.58 -13.45 19.18
N ILE A 245 30.79 -14.38 19.72
CA ILE A 245 31.30 -15.61 20.33
C ILE A 245 30.70 -16.77 19.55
N ILE A 246 31.53 -17.76 19.26
CA ILE A 246 31.27 -18.79 18.28
C ILE A 246 31.23 -20.16 18.96
N LEU A 247 30.10 -20.85 18.84
CA LEU A 247 29.95 -22.19 19.40
C LEU A 247 29.57 -23.21 18.33
N GLN A 248 29.93 -24.48 18.61
CA GLN A 248 29.62 -25.66 17.80
C GLN A 248 30.44 -25.75 16.51
N GLY A 249 31.34 -24.80 16.25
CA GLY A 249 32.14 -24.83 15.03
C GLY A 249 31.29 -24.73 13.78
N GLU A 250 31.78 -25.34 12.70
CA GLU A 250 31.12 -25.20 11.40
C GLU A 250 29.69 -25.71 11.48
N LYS A 251 29.42 -26.69 12.35
CA LYS A 251 28.09 -27.29 12.42
C LYS A 251 27.04 -26.22 12.63
N GLY A 252 27.39 -25.18 13.38
CA GLY A 252 26.49 -24.17 13.88
C GLY A 252 26.38 -22.93 13.01
N ARG A 253 27.14 -22.88 11.92
CA ARG A 253 27.01 -21.81 10.95
C ARG A 253 25.76 -22.01 10.10
N VAL A 254 25.26 -20.90 9.56
CA VAL A 254 24.21 -20.94 8.54
C VAL A 254 24.85 -21.41 7.24
N GLN A 255 24.47 -22.60 6.79
CA GLN A 255 25.12 -23.26 5.67
C GLN A 255 24.16 -23.38 4.49
N ASN A 256 24.71 -23.83 3.35
CA ASN A 256 23.91 -24.15 2.19
C ASN A 256 22.66 -24.93 2.55
N ASP A 257 21.52 -24.46 2.04
CA ASP A 257 20.24 -25.17 2.12
C ASP A 257 19.61 -25.07 3.51
N ASP A 258 20.19 -24.28 4.41
CA ASP A 258 19.66 -24.22 5.75
C ASP A 258 18.38 -23.40 5.77
N THR A 259 17.57 -23.62 6.81
CA THR A 259 16.36 -22.85 7.06
C THR A 259 16.58 -21.99 8.31
N ILE A 260 16.01 -20.80 8.30
CA ILE A 260 16.18 -19.89 9.42
C ILE A 260 14.88 -19.15 9.76
N ILE A 261 14.64 -19.03 11.06
CA ILE A 261 13.52 -18.34 11.66
C ILE A 261 14.09 -17.22 12.53
N PHE A 262 13.75 -15.99 12.21
CA PHE A 262 13.97 -14.88 13.13
C PHE A 262 12.74 -14.78 14.03
N PHE A 263 12.94 -14.67 15.35
CA PHE A 263 11.80 -14.69 16.25
C PHE A 263 11.43 -13.32 16.82
N ASP A 264 12.12 -12.24 16.46
CA ASP A 264 11.69 -10.91 16.85
C ASP A 264 10.37 -10.57 16.14
N TYR A 265 9.44 -9.93 16.88
CA TYR A 265 8.18 -9.48 16.28
C TYR A 265 8.21 -8.01 15.88
N ARG A 266 9.23 -7.25 16.26
CA ARG A 266 9.36 -5.88 15.80
C ARG A 266 10.23 -5.82 14.55
N ALA A 267 9.69 -5.26 13.47
CA ALA A 267 10.27 -5.41 12.14
C ALA A 267 11.47 -4.50 11.88
N ASP A 268 11.52 -3.32 12.48
CA ASP A 268 12.46 -2.32 11.99
C ASP A 268 13.89 -2.80 12.16
N ARG A 269 14.24 -3.37 13.31
CA ARG A 269 15.61 -3.85 13.50
C ARG A 269 15.89 -5.25 12.97
N MET A 270 14.90 -5.91 12.33
CA MET A 270 15.11 -7.19 11.68
C MET A 270 15.33 -7.08 10.17
N ARG A 271 15.08 -5.93 9.59
CA ARG A 271 15.04 -5.89 8.13
C ARG A 271 16.43 -6.03 7.52
N GLU A 272 17.43 -5.44 8.15
CA GLU A 272 18.77 -5.51 7.58
C GLU A 272 19.31 -6.93 7.62
N ILE A 273 19.30 -7.58 8.79
CA ILE A 273 19.92 -8.89 8.86
C ILE A 273 19.08 -9.93 8.11
N SER A 274 17.75 -9.82 8.16
CA SER A 274 16.96 -10.80 7.42
C SER A 274 17.11 -10.62 5.91
N ALA A 275 17.35 -9.40 5.43
CA ALA A 275 17.55 -9.20 3.99
C ALA A 275 18.95 -9.63 3.56
N ALA A 276 19.93 -9.52 4.45
CA ALA A 276 21.23 -10.07 4.16
C ALA A 276 21.13 -11.58 4.01
N MET A 277 20.22 -12.22 4.73
CA MET A 277 20.14 -13.67 4.62
C MET A 277 19.24 -14.15 3.51
N GLY A 278 18.19 -13.40 3.14
CA GLY A 278 17.24 -13.96 2.20
C GLY A 278 16.65 -13.04 1.15
N MET A 279 17.13 -11.80 1.05
CA MET A 279 16.57 -10.85 0.10
C MET A 279 17.64 -10.27 -0.80
N ASP A 280 18.78 -10.96 -0.89
CA ASP A 280 19.82 -10.62 -1.84
C ASP A 280 20.48 -9.28 -1.49
N ARG A 281 20.71 -9.05 -0.20
CA ARG A 281 21.36 -7.84 0.28
C ARG A 281 22.65 -8.16 1.04
N TYR A 282 23.11 -9.42 1.02
CA TYR A 282 24.39 -9.77 1.62
C TYR A 282 25.53 -9.00 0.98
N LYS A 283 25.37 -8.58 -0.29
CA LYS A 283 26.38 -7.78 -0.97
C LYS A 283 26.70 -6.49 -0.21
N ASP A 284 25.70 -5.88 0.45
CA ASP A 284 26.02 -4.64 1.16
C ASP A 284 26.90 -4.91 2.36
N CYS A 285 26.91 -6.14 2.89
CA CYS A 285 27.82 -6.45 3.99
C CYS A 285 29.27 -6.39 3.53
N ASN A 286 29.52 -6.53 2.22
CA ASN A 286 30.86 -6.36 1.66
C ASN A 286 31.83 -7.33 2.31
N SER A 287 31.40 -8.57 2.40
CA SER A 287 32.16 -9.62 3.05
C SER A 287 32.95 -10.39 2.02
N LYS A 288 34.06 -10.96 2.46
CA LYS A 288 34.85 -11.83 1.59
C LYS A 288 34.34 -13.26 1.63
N LEU A 289 33.49 -13.58 2.58
CA LEU A 289 32.95 -14.92 2.68
C LEU A 289 31.95 -15.20 1.56
N ALA A 290 31.83 -16.47 1.24
CA ALA A 290 30.85 -16.93 0.28
C ALA A 290 29.49 -17.02 0.95
N HIS A 291 28.47 -16.57 0.23
CA HIS A 291 27.13 -16.54 0.79
C HIS A 291 26.50 -17.89 0.62
N PRO A 292 25.87 -18.47 1.65
CA PRO A 292 25.22 -19.76 1.46
C PRO A 292 24.11 -19.69 0.41
N SER A 293 23.92 -20.79 -0.29
CA SER A 293 22.92 -20.87 -1.33
C SER A 293 21.69 -21.56 -0.78
N ASN A 294 20.56 -21.21 -1.38
CA ASN A 294 19.27 -21.85 -1.15
C ASN A 294 18.85 -21.78 0.32
N LEU A 295 19.03 -20.61 0.92
CA LEU A 295 18.51 -20.37 2.24
C LEU A 295 17.02 -20.04 2.15
N GLN A 296 16.30 -20.40 3.19
CA GLN A 296 14.92 -19.97 3.33
C GLN A 296 14.78 -19.29 4.67
N VAL A 297 14.20 -18.08 4.65
CA VAL A 297 13.99 -17.26 5.83
C VAL A 297 12.51 -17.19 6.18
N TYR A 298 12.22 -17.33 7.46
CA TYR A 298 10.92 -17.07 8.05
C TYR A 298 11.08 -16.02 9.15
N GLY A 299 10.13 -15.12 9.23
CA GLY A 299 10.10 -14.16 10.32
C GLY A 299 8.95 -14.43 11.28
N MET A 300 9.06 -13.96 12.53
CA MET A 300 7.95 -14.10 13.49
C MET A 300 6.70 -13.37 13.00
N THR A 301 6.90 -12.18 12.43
CA THR A 301 5.87 -11.36 11.82
C THR A 301 6.39 -10.93 10.45
N GLN A 302 5.61 -10.13 9.75
CA GLN A 302 6.03 -9.58 8.46
C GLN A 302 7.03 -8.45 8.70
N TYR A 303 8.23 -8.57 8.12
CA TYR A 303 9.24 -7.52 8.26
C TYR A 303 9.18 -6.48 7.14
N LYS A 304 8.79 -6.89 5.93
CA LYS A 304 8.59 -5.99 4.79
C LYS A 304 7.75 -6.76 3.79
N ALA A 305 6.73 -6.12 3.24
CA ALA A 305 5.83 -6.84 2.34
C ALA A 305 6.56 -7.28 1.08
N GLU A 306 7.58 -6.52 0.65
CA GLU A 306 8.43 -6.88 -0.48
C GLU A 306 9.36 -8.06 -0.17
N PHE A 307 9.34 -8.60 1.06
CA PHE A 307 10.16 -9.79 1.32
C PHE A 307 9.39 -11.07 0.97
N PRO A 308 10.08 -12.11 0.48
CA PRO A 308 9.40 -13.38 0.18
C PRO A 308 9.20 -14.26 1.39
N PHE A 309 9.56 -13.82 2.58
CA PHE A 309 9.55 -14.68 3.76
C PHE A 309 8.13 -14.96 4.22
N LYS A 310 7.86 -16.21 4.56
CA LYS A 310 6.68 -16.55 5.34
C LYS A 310 6.81 -16.05 6.79
N SER A 311 5.65 -15.70 7.37
CA SER A 311 5.57 -15.19 8.73
C SER A 311 4.77 -16.16 9.61
N LEU A 312 5.26 -16.35 10.85
CA LEU A 312 4.53 -17.19 11.80
C LEU A 312 3.21 -16.53 12.20
N PHE A 313 3.19 -15.20 12.30
CA PHE A 313 2.01 -14.40 12.63
C PHE A 313 1.85 -13.30 11.59
N PRO A 314 1.32 -13.62 10.42
CA PRO A 314 1.20 -12.63 9.37
C PRO A 314 0.07 -11.65 9.68
N PRO A 315 0.04 -10.52 8.99
CA PRO A 315 -0.93 -9.48 9.32
C PRO A 315 -2.35 -9.99 9.26
N ALA A 316 -3.17 -9.52 10.22
CA ALA A 316 -4.61 -9.55 10.05
C ALA A 316 -4.97 -8.99 8.69
N SER A 317 -5.76 -9.74 7.93
CA SER A 317 -6.15 -9.23 6.61
C SER A 317 -7.21 -8.13 6.72
N ASN A 318 -8.06 -8.17 7.74
CA ASN A 318 -9.09 -7.15 7.92
C ASN A 318 -9.98 -7.01 6.69
N LYS A 319 -10.47 -8.16 6.22
CA LYS A 319 -11.47 -8.15 5.15
C LYS A 319 -12.77 -7.64 5.75
N ASN A 320 -13.48 -6.82 4.98
CA ASN A 320 -14.84 -6.42 5.31
C ASN A 320 -14.92 -5.63 6.63
N VAL A 321 -13.96 -4.72 6.83
CA VAL A 321 -14.21 -3.62 7.74
C VAL A 321 -15.41 -2.77 7.22
N LEU A 322 -15.98 -1.97 8.11
CA LEU A 322 -17.20 -1.23 7.76
C LEU A 322 -17.09 -0.55 6.40
N ALA A 323 -16.00 0.19 6.19
CA ALA A 323 -15.85 0.95 4.95
C ALA A 323 -15.90 0.04 3.73
N GLU A 324 -15.26 -1.13 3.80
CA GLU A 324 -15.29 -2.04 2.67
C GLU A 324 -16.66 -2.68 2.53
N TRP A 325 -17.25 -3.10 3.65
CA TRP A 325 -18.53 -3.80 3.62
C TRP A 325 -19.64 -2.93 3.04
N LEU A 326 -19.67 -1.63 3.39
CA LEU A 326 -20.68 -0.73 2.82
C LEU A 326 -20.55 -0.63 1.31
N ALA A 327 -19.33 -0.50 0.79
CA ALA A 327 -19.16 -0.46 -0.66
C ALA A 327 -19.60 -1.78 -1.27
N GLU A 328 -19.32 -2.89 -0.58
CA GLU A 328 -19.73 -4.21 -1.07
C GLU A 328 -21.25 -4.34 -1.13
N GLN A 329 -21.95 -3.71 -0.18
CA GLN A 329 -23.41 -3.65 -0.19
C GLN A 329 -23.92 -2.52 -1.07
N LYS A 330 -23.05 -1.89 -1.83
CA LYS A 330 -23.42 -0.78 -2.69
C LYS A 330 -24.15 0.30 -1.87
N VAL A 331 -23.45 0.78 -0.84
CA VAL A 331 -23.91 1.86 0.04
C VAL A 331 -22.77 2.86 0.15
N SER A 332 -23.06 4.13 -0.12
CA SER A 332 -22.03 5.17 -0.11
C SER A 332 -21.83 5.71 1.31
N GLN A 333 -20.75 6.48 1.49
CA GLN A 333 -20.33 6.86 2.84
C GLN A 333 -19.45 8.11 2.77
N PHE A 334 -19.33 8.75 3.91
CA PHE A 334 -18.64 10.02 4.06
C PHE A 334 -17.81 9.99 5.32
N HIS A 335 -16.54 10.36 5.21
CA HIS A 335 -15.59 10.39 6.32
C HIS A 335 -14.98 11.79 6.39
N CYS A 336 -15.04 12.42 7.58
CA CYS A 336 -14.59 13.80 7.77
C CYS A 336 -13.79 13.94 9.05
N ALA A 337 -12.66 14.64 8.98
CA ALA A 337 -11.87 14.96 10.16
C ALA A 337 -11.13 16.24 9.87
N GLU A 338 -10.51 16.82 10.91
CA GLU A 338 -9.56 17.88 10.64
C GLU A 338 -8.17 17.26 10.52
N THR A 339 -7.23 18.07 10.07
CA THR A 339 -5.89 17.58 9.70
C THR A 339 -5.32 16.59 10.72
N GLU A 340 -5.30 16.97 12.00
CA GLU A 340 -4.64 16.15 13.03
C GLU A 340 -5.24 14.76 13.17
N LYS A 341 -6.51 14.55 12.82
CA LYS A 341 -7.05 13.20 12.89
C LYS A 341 -7.53 12.70 11.53
N TYR A 342 -7.03 13.27 10.43
CA TYR A 342 -7.48 12.82 9.11
C TYR A 342 -7.05 11.39 8.80
N ALA A 343 -5.81 11.04 9.12
CA ALA A 343 -5.41 9.66 8.93
C ALA A 343 -6.30 8.71 9.73
N HIS A 344 -6.84 9.18 10.85
CA HIS A 344 -7.53 8.23 11.71
C HIS A 344 -8.88 7.84 11.13
N VAL A 345 -9.52 8.76 10.40
CA VAL A 345 -10.80 8.41 9.79
C VAL A 345 -10.63 7.79 8.42
N THR A 346 -9.39 7.64 7.95
CA THR A 346 -9.17 7.02 6.65
C THR A 346 -8.29 5.78 6.79
N PHE A 347 -6.96 5.97 6.80
CA PHE A 347 -6.04 4.86 6.94
C PHE A 347 -6.46 3.91 8.07
N PHE A 348 -6.64 4.43 9.28
CA PHE A 348 -6.87 3.54 10.42
C PHE A 348 -8.31 3.04 10.45
N PHE A 349 -9.30 3.94 10.32
CA PHE A 349 -10.68 3.49 10.29
C PHE A 349 -10.91 2.41 9.25
N ASN A 350 -10.20 2.46 8.12
CA ASN A 350 -10.46 1.51 7.05
C ASN A 350 -9.63 0.25 7.16
N GLY A 351 -8.94 0.04 8.28
CA GLY A 351 -8.33 -1.24 8.50
C GLY A 351 -6.83 -1.19 8.65
N GLY A 352 -6.27 0.02 8.78
CA GLY A 352 -4.84 0.16 8.95
C GLY A 352 -4.10 0.02 7.64
N LEU A 353 -4.63 0.60 6.57
CA LEU A 353 -3.99 0.57 5.27
C LEU A 353 -4.57 1.69 4.44
N GLU A 354 -3.87 2.07 3.38
CA GLU A 354 -4.27 3.20 2.57
C GLU A 354 -5.09 2.65 1.41
N LYS A 355 -6.38 2.47 1.67
CA LYS A 355 -7.34 2.02 0.66
C LYS A 355 -8.66 2.74 0.87
N GLN A 356 -9.17 3.32 -0.21
CA GLN A 356 -10.43 4.04 -0.23
C GLN A 356 -11.41 3.27 -1.11
N PHE A 357 -12.62 3.07 -0.61
CA PHE A 357 -13.52 2.12 -1.25
C PHE A 357 -14.53 2.83 -2.14
N GLU A 358 -15.18 2.05 -3.01
CA GLU A 358 -16.15 2.59 -3.94
C GLU A 358 -17.26 3.26 -3.16
N GLY A 359 -17.63 4.47 -3.59
CA GLY A 359 -18.67 5.24 -2.92
C GLY A 359 -18.23 5.99 -1.68
N GLU A 360 -16.97 5.82 -1.24
CA GLU A 360 -16.47 6.51 -0.05
C GLU A 360 -16.04 7.92 -0.39
N GLU A 361 -16.62 8.92 0.25
CA GLU A 361 -16.22 10.31 0.08
C GLU A 361 -15.44 10.77 1.30
N ARG A 362 -14.42 11.59 1.09
CA ARG A 362 -13.56 12.07 2.17
C ARG A 362 -13.55 13.59 2.16
N CYS A 363 -13.37 14.17 3.34
CA CYS A 363 -13.31 15.61 3.49
C CYS A 363 -12.32 15.92 4.60
N LEU A 364 -11.38 16.81 4.33
CA LEU A 364 -10.39 17.29 5.29
C LEU A 364 -10.66 18.74 5.62
N VAL A 365 -10.72 19.06 6.91
CA VAL A 365 -10.88 20.43 7.37
C VAL A 365 -9.53 20.87 7.93
N PRO A 366 -8.93 21.97 7.46
CA PRO A 366 -7.60 22.36 7.97
C PRO A 366 -7.64 22.62 9.48
N SER A 367 -6.67 22.06 10.20
CA SER A 367 -6.47 22.47 11.58
C SER A 367 -5.89 23.88 11.65
N PRO A 368 -6.14 24.60 12.73
CA PRO A 368 -5.61 25.96 12.84
C PRO A 368 -4.09 25.95 12.94
N LYS A 369 -3.49 27.04 12.46
CA LYS A 369 -2.03 27.14 12.41
C LYS A 369 -1.60 27.95 13.63
N VAL A 370 -1.52 27.26 14.76
CA VAL A 370 -1.10 27.85 16.02
C VAL A 370 0.02 27.00 16.58
N ALA A 371 0.84 27.61 17.43
CA ALA A 371 2.00 26.89 17.96
C ALA A 371 1.57 25.66 18.73
N THR A 372 0.67 25.84 19.69
CA THR A 372 0.07 24.72 20.39
C THR A 372 -1.44 24.88 20.40
N TYR A 373 -2.16 23.76 20.52
CA TYR A 373 -3.60 23.79 20.34
C TYR A 373 -4.35 24.33 21.56
N ASP A 374 -3.67 24.48 22.70
CA ASP A 374 -4.28 25.21 23.81
C ASP A 374 -4.53 26.66 23.45
N LEU A 375 -3.77 27.21 22.49
CA LEU A 375 -3.99 28.56 21.99
C LEU A 375 -5.25 28.72 21.15
N GLN A 376 -5.83 27.64 20.63
CA GLN A 376 -7.13 27.70 19.95
C GLN A 376 -7.88 26.42 20.28
N PRO A 377 -8.42 26.33 21.49
CA PRO A 377 -8.92 25.04 21.96
C PRO A 377 -10.05 24.48 21.14
N GLU A 378 -10.83 25.34 20.46
CA GLU A 378 -11.92 24.85 19.60
C GLU A 378 -11.39 24.16 18.35
N MET A 379 -10.08 24.25 18.09
CA MET A 379 -9.41 23.78 16.86
C MET A 379 -10.29 24.05 15.64
N SER A 380 -10.68 23.03 14.86
CA SER A 380 -11.56 23.27 13.72
C SER A 380 -12.85 22.47 13.86
N ALA A 381 -13.38 22.36 15.08
CA ALA A 381 -14.55 21.53 15.29
C ALA A 381 -15.75 22.09 14.54
N ALA A 382 -15.95 23.42 14.60
CA ALA A 382 -17.05 24.06 13.88
C ALA A 382 -17.04 23.71 12.40
N GLY A 383 -15.86 23.62 11.79
CA GLY A 383 -15.78 23.32 10.38
C GLY A 383 -16.16 21.87 10.08
N VAL A 384 -15.69 20.93 10.89
CA VAL A 384 -16.10 19.52 10.72
C VAL A 384 -17.62 19.43 10.81
N ALA A 385 -18.22 20.09 11.79
CA ALA A 385 -19.68 20.05 11.93
C ALA A 385 -20.37 20.67 10.71
N ASP A 386 -19.86 21.80 10.23
CA ASP A 386 -20.41 22.39 9.02
C ASP A 386 -20.45 21.38 7.89
N LYS A 387 -19.35 20.64 7.67
CA LYS A 387 -19.33 19.72 6.54
C LYS A 387 -20.26 18.54 6.79
N MET A 388 -20.39 18.09 8.03
CA MET A 388 -21.32 17.01 8.32
C MET A 388 -22.77 17.48 8.15
N ILE A 389 -23.08 18.69 8.60
CA ILE A 389 -24.43 19.23 8.41
C ILE A 389 -24.72 19.36 6.92
N GLU A 390 -23.72 19.78 6.15
CA GLU A 390 -23.93 19.85 4.70
C GLU A 390 -24.35 18.49 4.16
N GLN A 391 -23.70 17.42 4.62
CA GLN A 391 -24.02 16.08 4.14
C GLN A 391 -25.38 15.62 4.62
N LEU A 392 -25.76 15.98 5.84
CA LEU A 392 -27.07 15.59 6.36
C LEU A 392 -28.19 16.28 5.60
N GLU A 393 -28.00 17.55 5.23
CA GLU A 393 -29.00 18.26 4.46
C GLU A 393 -29.10 17.69 3.05
N ALA A 394 -27.98 17.19 2.52
CA ALA A 394 -28.01 16.59 1.18
C ALA A 394 -28.68 15.24 1.21
N GLY A 395 -28.47 14.47 2.27
CA GLY A 395 -29.13 13.18 2.37
C GLY A 395 -28.53 12.10 1.51
N THR A 396 -27.42 12.40 0.82
CA THR A 396 -26.87 11.47 -0.17
C THR A 396 -26.38 10.18 0.48
N HIS A 397 -25.59 10.30 1.55
CA HIS A 397 -24.83 9.18 2.07
C HIS A 397 -25.55 8.54 3.23
N PRO A 398 -25.84 7.24 3.20
CA PRO A 398 -26.58 6.64 4.31
C PRO A 398 -25.75 6.47 5.55
N PHE A 399 -24.42 6.41 5.42
CA PHE A 399 -23.53 6.42 6.57
C PHE A 399 -22.58 7.59 6.44
N ILE A 400 -22.54 8.44 7.47
CA ILE A 400 -21.56 9.49 7.56
C ILE A 400 -20.95 9.45 8.95
N MET A 401 -19.67 9.80 9.01
CA MET A 401 -18.91 9.75 10.25
C MET A 401 -17.87 10.86 10.24
N CYS A 402 -17.51 11.31 11.44
CA CYS A 402 -16.44 12.29 11.61
C CYS A 402 -15.70 12.01 12.91
N ASN A 403 -14.56 12.69 13.05
CA ASN A 403 -13.78 12.77 14.26
C ASN A 403 -13.81 14.22 14.73
N PHE A 404 -13.88 14.40 16.06
CA PHE A 404 -13.65 15.71 16.67
C PHE A 404 -12.37 15.62 17.48
N ALA A 405 -11.37 16.43 17.10
CA ALA A 405 -10.01 16.42 17.59
C ALA A 405 -9.77 17.07 18.96
N PRO A 406 -10.52 18.11 19.33
CA PRO A 406 -10.07 19.00 20.43
C PRO A 406 -9.88 18.30 21.77
N PRO A 407 -10.78 17.43 22.22
CA PRO A 407 -10.55 16.92 23.59
C PRO A 407 -9.26 16.15 23.70
N ASP A 408 -8.86 15.39 22.66
CA ASP A 408 -7.60 14.67 22.74
C ASP A 408 -6.43 15.62 22.58
N MET A 409 -6.46 16.42 21.53
CA MET A 409 -5.31 17.22 21.19
C MET A 409 -5.10 18.36 22.17
N VAL A 410 -6.18 18.94 22.70
CA VAL A 410 -5.98 20.00 23.69
C VAL A 410 -5.64 19.36 25.04
N GLY A 411 -6.16 18.17 25.32
CA GLY A 411 -5.76 17.46 26.54
C GLY A 411 -4.27 17.17 26.61
N HIS A 412 -3.66 16.83 25.47
CA HIS A 412 -2.24 16.53 25.46
C HIS A 412 -1.41 17.74 25.85
N THR A 413 -1.99 18.95 25.81
CA THR A 413 -1.26 20.12 26.24
C THR A 413 -1.18 20.22 27.76
N GLY A 414 -2.05 19.50 28.48
CA GLY A 414 -2.09 19.58 29.92
C GLY A 414 -2.80 20.81 30.47
N VAL A 415 -3.23 21.74 29.62
CA VAL A 415 -3.79 23.00 30.10
C VAL A 415 -5.27 22.79 30.40
N TYR A 416 -5.60 22.68 31.69
CA TYR A 416 -6.95 22.29 32.06
C TYR A 416 -8.01 23.23 31.49
N GLU A 417 -7.82 24.55 31.62
CA GLU A 417 -8.89 25.46 31.20
C GLU A 417 -9.07 25.44 29.69
N ALA A 418 -7.99 25.15 28.97
CA ALA A 418 -8.08 24.95 27.54
C ALA A 418 -8.86 23.68 27.25
N ALA A 419 -8.62 22.62 28.02
CA ALA A 419 -9.33 21.39 27.76
C ALA A 419 -10.82 21.61 27.96
N VAL A 420 -11.19 22.40 28.96
CA VAL A 420 -12.60 22.70 29.16
C VAL A 420 -13.18 23.39 27.92
N LYS A 421 -12.49 24.42 27.40
CA LYS A 421 -12.98 25.10 26.21
C LYS A 421 -13.09 24.16 25.01
N ALA A 422 -12.20 23.17 24.93
CA ALA A 422 -12.25 22.24 23.81
C ALA A 422 -13.45 21.32 23.94
N CYS A 423 -13.77 20.92 25.17
CA CYS A 423 -14.95 20.09 25.38
C CYS A 423 -16.23 20.89 25.14
N GLU A 424 -16.23 22.19 25.42
CA GLU A 424 -17.42 23.00 25.14
C GLU A 424 -17.58 23.19 23.63
N ALA A 425 -16.50 23.46 22.92
CA ALA A 425 -16.58 23.57 21.46
C ALA A 425 -17.09 22.26 20.86
N THR A 426 -16.63 21.13 21.39
CA THR A 426 -17.07 19.83 20.87
C THR A 426 -18.55 19.61 21.13
N ASP A 427 -19.01 19.93 22.35
CA ASP A 427 -20.42 19.74 22.66
C ASP A 427 -21.30 20.60 21.76
N ILE A 428 -20.91 21.86 21.55
CA ILE A 428 -21.65 22.74 20.64
C ILE A 428 -21.74 22.10 19.27
N ALA A 429 -20.63 21.55 18.78
CA ALA A 429 -20.64 20.97 17.42
C ALA A 429 -21.52 19.73 17.37
N ILE A 430 -21.45 18.90 18.42
CA ILE A 430 -22.30 17.73 18.49
C ILE A 430 -23.77 18.14 18.46
N GLY A 431 -24.14 19.20 19.20
CA GLY A 431 -25.54 19.62 19.23
C GLY A 431 -26.04 20.09 17.88
N ARG A 432 -25.22 20.84 17.14
CA ARG A 432 -25.58 21.24 15.78
C ARG A 432 -25.72 20.03 14.86
N ILE A 433 -24.86 19.02 14.98
CA ILE A 433 -25.07 17.83 14.15
C ILE A 433 -26.38 17.13 14.55
N TYR A 434 -26.60 16.99 15.85
CA TYR A 434 -27.84 16.35 16.31
C TYR A 434 -29.08 17.03 15.71
N GLU A 435 -29.11 18.37 15.71
CA GLU A 435 -30.32 19.02 15.22
C GLU A 435 -30.48 18.78 13.74
N ALA A 436 -29.39 18.74 13.01
CA ALA A 436 -29.49 18.42 11.59
C ALA A 436 -29.96 16.99 11.37
N THR A 437 -29.61 16.05 12.27
CA THR A 437 -30.00 14.65 11.98
C THR A 437 -31.50 14.48 12.17
N GLN A 438 -32.05 15.12 13.20
CA GLN A 438 -33.47 15.05 13.45
C GLN A 438 -34.26 15.74 12.33
N LYS A 439 -33.73 16.81 11.74
CA LYS A 439 -34.37 17.49 10.62
C LYS A 439 -34.27 16.73 9.30
N HIS A 440 -33.32 15.80 9.14
CA HIS A 440 -33.17 15.14 7.85
C HIS A 440 -33.22 13.62 7.94
N GLY A 441 -33.65 13.06 9.07
CA GLY A 441 -34.01 11.66 9.10
C GLY A 441 -32.87 10.69 9.36
N TYR A 442 -31.82 11.15 10.04
CA TYR A 442 -30.67 10.32 10.40
C TYR A 442 -30.73 9.99 11.88
N SER A 443 -30.26 8.80 12.24
CA SER A 443 -29.96 8.49 13.62
C SER A 443 -28.54 8.92 13.95
N LEU A 444 -28.38 9.46 15.15
CA LEU A 444 -27.08 9.88 15.63
C LEU A 444 -26.58 8.87 16.63
N MET A 445 -25.33 8.45 16.43
CA MET A 445 -24.57 7.67 17.40
C MET A 445 -23.30 8.44 17.70
N VAL A 446 -23.02 8.66 18.99
CA VAL A 446 -21.80 9.34 19.43
C VAL A 446 -20.96 8.36 20.23
N THR A 447 -19.68 8.27 19.90
CA THR A 447 -18.76 7.45 20.68
C THR A 447 -17.45 8.21 20.81
N ALA A 448 -16.41 7.52 21.28
CA ALA A 448 -15.06 8.08 21.28
C ALA A 448 -14.07 6.94 21.07
N ASP A 449 -12.82 7.31 20.76
CA ASP A 449 -11.80 6.29 20.47
C ASP A 449 -11.00 5.88 21.70
N HIS A 450 -11.07 6.66 22.78
CA HIS A 450 -10.40 6.39 24.04
C HIS A 450 -10.58 7.66 24.86
N GLY A 451 -10.25 7.60 26.14
CA GLY A 451 -10.38 8.77 27.00
C GLY A 451 -9.13 9.63 27.02
N ASN A 452 -9.29 10.84 27.56
CA ASN A 452 -8.17 11.75 27.75
C ASN A 452 -8.60 12.93 28.61
N ALA A 453 -9.55 13.72 28.09
CA ALA A 453 -9.86 15.01 28.70
C ALA A 453 -10.66 14.88 29.99
N GLU A 454 -11.19 13.70 30.31
CA GLU A 454 -11.86 13.50 31.60
C GLU A 454 -10.87 13.38 32.76
N LYS A 455 -9.57 13.30 32.50
CA LYS A 455 -8.56 13.26 33.55
C LYS A 455 -7.41 14.18 33.13
N MET A 456 -7.53 15.45 33.49
CA MET A 456 -6.50 16.44 33.18
C MET A 456 -5.54 16.69 34.33
N LYS A 457 -5.79 16.13 35.52
CA LYS A 457 -4.92 16.31 36.68
C LYS A 457 -4.61 14.97 37.32
N ALA A 458 -3.34 14.79 37.67
CA ALA A 458 -2.94 13.64 38.47
C ALA A 458 -3.37 13.84 39.92
N PRO A 459 -3.35 12.77 40.74
CA PRO A 459 -3.81 12.92 42.13
C PRO A 459 -3.11 14.03 42.87
N ASP A 460 -1.80 14.16 42.71
CA ASP A 460 -0.99 15.24 43.24
C ASP A 460 -1.27 16.56 42.58
N GLY A 461 -2.33 16.68 41.78
CA GLY A 461 -2.66 17.92 41.11
C GLY A 461 -1.77 18.25 39.93
N GLY A 462 -0.84 17.38 39.56
CA GLY A 462 0.00 17.62 38.41
C GLY A 462 -0.77 17.42 37.10
N LYS A 463 -0.23 18.00 36.02
CA LYS A 463 -0.94 17.94 34.75
C LYS A 463 -0.97 16.50 34.26
N HIS A 464 -2.08 16.08 33.66
CA HIS A 464 -2.21 14.74 33.10
C HIS A 464 -2.44 14.85 31.59
N THR A 465 -1.36 14.62 30.83
CA THR A 465 -1.32 14.84 29.40
C THR A 465 -1.48 13.56 28.59
N ALA A 466 -2.10 12.53 29.14
CA ALA A 466 -2.18 11.23 28.47
C ALA A 466 -3.62 10.74 28.31
N HIS A 467 -3.77 9.72 27.45
CA HIS A 467 -4.98 8.94 27.36
C HIS A 467 -5.19 8.13 28.63
N THR A 468 -6.34 7.47 28.72
CA THR A 468 -6.78 6.80 29.94
C THR A 468 -7.33 5.42 29.60
N CYS A 469 -7.68 4.70 30.66
CA CYS A 469 -8.30 3.39 30.53
C CYS A 469 -9.81 3.43 30.82
N TYR A 470 -10.39 4.62 30.91
CA TYR A 470 -11.84 4.72 31.13
C TYR A 470 -12.62 4.22 29.91
N ARG A 471 -13.87 3.85 30.16
CA ARG A 471 -14.81 3.53 29.10
C ARG A 471 -15.16 4.82 28.32
N VAL A 472 -15.71 4.61 27.12
CA VAL A 472 -16.17 5.74 26.31
C VAL A 472 -17.68 5.61 26.10
N PRO A 473 -18.35 6.64 25.64
CA PRO A 473 -19.79 6.55 25.38
C PRO A 473 -20.11 5.80 24.11
N LEU A 474 -21.33 5.25 24.07
CA LEU A 474 -21.98 4.95 22.81
C LEU A 474 -23.41 5.45 22.96
N THR A 475 -23.81 6.41 22.14
CA THR A 475 -25.17 6.95 22.23
C THR A 475 -25.97 6.56 21.00
N LEU A 476 -27.29 6.74 21.11
CA LEU A 476 -28.18 6.43 19.99
C LEU A 476 -29.49 7.18 20.16
N SER A 477 -29.79 8.06 19.21
CA SER A 477 -31.01 8.85 19.26
C SER A 477 -32.24 8.06 18.85
N HIS A 478 -32.10 6.99 18.07
CA HIS A 478 -33.27 6.24 17.62
C HIS A 478 -33.99 5.65 18.82
N PRO A 479 -35.30 5.85 18.96
CA PRO A 479 -36.02 5.34 20.15
C PRO A 479 -36.41 3.87 20.06
N GLY A 480 -36.32 3.24 18.89
CA GLY A 480 -36.76 1.87 18.75
C GLY A 480 -35.74 0.83 19.16
N PHE A 481 -34.76 1.18 19.99
CA PHE A 481 -33.64 0.29 20.32
C PHE A 481 -33.24 0.44 21.78
N LYS A 482 -32.91 -0.68 22.42
CA LYS A 482 -32.33 -0.65 23.76
C LYS A 482 -30.93 -1.25 23.68
N PHE A 483 -30.00 -0.62 24.41
CA PHE A 483 -28.64 -1.11 24.50
C PHE A 483 -28.57 -2.29 25.44
N VAL A 484 -27.83 -3.33 25.02
CA VAL A 484 -27.71 -4.60 25.71
C VAL A 484 -26.25 -5.01 25.70
N ASP A 485 -25.85 -5.73 26.67
CA ASP A 485 -24.45 -6.12 26.75
C ASP A 485 -24.21 -7.44 26.05
N PRO A 486 -22.95 -7.73 25.68
CA PRO A 486 -22.63 -9.04 25.15
C PRO A 486 -22.76 -10.08 26.23
N ALA A 487 -23.03 -11.31 25.80
CA ALA A 487 -23.17 -12.43 26.74
C ALA A 487 -21.94 -12.56 27.66
N ASP A 488 -20.73 -12.58 27.10
CA ASP A 488 -19.55 -13.12 27.76
C ASP A 488 -18.49 -12.10 28.17
N ARG A 489 -18.71 -10.80 27.96
CA ARG A 489 -17.65 -9.79 28.11
C ARG A 489 -18.28 -8.40 28.15
N HIS A 490 -17.49 -7.41 28.59
CA HIS A 490 -17.90 -6.02 28.42
C HIS A 490 -18.09 -5.69 26.93
N PRO A 491 -18.96 -4.75 26.59
CA PRO A 491 -18.94 -4.19 25.24
C PRO A 491 -17.68 -3.37 24.98
N ALA A 492 -17.25 -3.29 23.71
CA ALA A 492 -16.03 -2.57 23.39
C ALA A 492 -16.12 -1.98 21.97
N LEU A 493 -15.04 -1.32 21.53
CA LEU A 493 -15.06 -0.65 20.22
C LEU A 493 -15.38 -1.62 19.08
N CYS A 494 -14.94 -2.87 19.18
CA CYS A 494 -15.28 -3.84 18.13
C CYS A 494 -16.78 -3.99 17.93
N ASP A 495 -17.61 -3.54 18.88
CA ASP A 495 -19.06 -3.68 18.74
C ASP A 495 -19.72 -2.48 18.06
N VAL A 496 -18.98 -1.42 17.77
CA VAL A 496 -19.62 -0.22 17.23
C VAL A 496 -20.15 -0.48 15.84
N ALA A 497 -19.37 -1.16 15.02
CA ALA A 497 -19.74 -1.31 13.62
C ALA A 497 -20.84 -2.35 13.45
N PRO A 498 -20.82 -3.47 14.17
CA PRO A 498 -22.00 -4.36 14.11
C PRO A 498 -23.29 -3.66 14.53
N THR A 499 -23.21 -2.81 15.55
CA THR A 499 -24.40 -2.07 15.98
C THR A 499 -24.88 -1.13 14.88
N VAL A 500 -23.97 -0.38 14.25
CA VAL A 500 -24.36 0.49 13.15
C VAL A 500 -25.08 -0.30 12.07
N LEU A 501 -24.50 -1.45 11.67
CA LEU A 501 -25.09 -2.23 10.60
C LEU A 501 -26.50 -2.70 10.96
N ALA A 502 -26.67 -3.20 12.18
CA ALA A 502 -28.00 -3.61 12.62
C ALA A 502 -28.99 -2.44 12.52
N ILE A 503 -28.69 -1.33 13.20
CA ILE A 503 -29.51 -0.13 13.08
C ILE A 503 -29.76 0.25 11.63
N MET A 504 -28.78 0.06 10.75
CA MET A 504 -28.98 0.37 9.34
C MET A 504 -29.74 -0.74 8.60
N GLY A 505 -30.07 -1.84 9.27
CA GLY A 505 -30.74 -2.90 8.55
C GLY A 505 -29.88 -3.61 7.54
N LEU A 506 -28.57 -3.59 7.70
CA LEU A 506 -27.69 -4.26 6.77
C LEU A 506 -27.12 -5.52 7.38
N PRO A 507 -26.63 -6.43 6.54
CA PRO A 507 -26.02 -7.65 7.04
C PRO A 507 -24.66 -7.39 7.70
N GLN A 508 -24.31 -8.23 8.67
CA GLN A 508 -22.99 -8.22 9.27
C GLN A 508 -22.11 -9.24 8.56
N PRO A 509 -20.93 -8.87 8.09
CA PRO A 509 -20.04 -9.88 7.51
C PRO A 509 -19.49 -10.81 8.57
N ALA A 510 -19.21 -12.04 8.16
CA ALA A 510 -18.67 -13.04 9.07
C ALA A 510 -17.38 -12.56 9.70
N GLU A 511 -16.60 -11.72 9.00
CA GLU A 511 -15.32 -11.29 9.58
C GLU A 511 -15.49 -10.33 10.75
N MET A 512 -16.62 -9.63 10.86
CA MET A 512 -16.87 -8.81 12.05
C MET A 512 -17.27 -9.75 13.17
N THR A 513 -16.34 -10.02 14.07
CA THR A 513 -16.61 -10.90 15.19
C THR A 513 -17.08 -10.15 16.42
N GLY A 514 -17.06 -8.83 16.42
CA GLY A 514 -17.83 -8.09 17.40
C GLY A 514 -19.31 -8.33 17.19
N VAL A 515 -20.13 -7.84 18.13
CA VAL A 515 -21.57 -8.06 18.11
C VAL A 515 -22.33 -6.75 18.26
N SER A 516 -23.47 -6.65 17.60
CA SER A 516 -24.37 -5.53 17.84
C SER A 516 -24.83 -5.53 19.28
N ILE A 517 -24.74 -4.39 19.96
CA ILE A 517 -25.10 -4.31 21.36
C ILE A 517 -26.38 -3.49 21.55
N VAL A 518 -27.30 -3.61 20.62
CA VAL A 518 -28.64 -3.07 20.80
C VAL A 518 -29.62 -4.17 20.45
N GLN A 519 -30.79 -4.11 21.10
CA GLN A 519 -31.94 -4.96 20.79
C GLN A 519 -33.10 -4.06 20.36
N LYS A 520 -33.87 -4.53 19.37
CA LYS A 520 -35.00 -3.80 18.78
C LYS A 520 -36.30 -4.01 19.55
N ALA B 2 -0.51 -25.10 1.15
CA ALA B 2 -1.69 -25.80 0.63
C ALA B 2 -3.00 -24.94 0.73
N MET B 3 -4.09 -25.43 0.13
CA MET B 3 -5.39 -24.75 0.17
C MET B 3 -6.49 -25.78 -0.06
N ALA B 4 -7.65 -25.49 0.52
CA ALA B 4 -8.70 -26.49 0.68
C ALA B 4 -9.11 -27.14 -0.63
N ASN B 5 -9.14 -26.39 -1.73
CA ASN B 5 -9.71 -26.90 -2.97
C ASN B 5 -8.65 -27.35 -3.98
N ASN B 6 -7.40 -27.55 -3.53
CA ASN B 6 -6.35 -28.00 -4.44
C ASN B 6 -6.74 -29.30 -5.15
N SER B 7 -7.39 -30.23 -4.45
CA SER B 7 -7.69 -31.56 -4.99
C SER B 7 -8.75 -31.56 -6.06
N SER B 8 -9.59 -30.54 -6.13
CA SER B 8 -10.64 -30.52 -7.12
C SER B 8 -10.22 -29.77 -8.37
N VAL B 9 -8.97 -29.33 -8.46
CA VAL B 9 -8.50 -28.69 -9.67
C VAL B 9 -8.34 -29.74 -10.74
N ALA B 10 -8.85 -29.44 -11.93
CA ALA B 10 -8.81 -30.42 -13.02
C ALA B 10 -7.38 -30.66 -13.51
N ASN B 11 -6.72 -29.61 -14.00
CA ASN B 11 -5.38 -29.70 -14.56
C ASN B 11 -4.45 -28.75 -13.81
N LYS B 12 -3.41 -29.29 -13.19
CA LYS B 12 -2.39 -28.44 -12.60
C LYS B 12 -1.57 -27.79 -13.70
N VAL B 13 -1.22 -26.53 -13.51
CA VAL B 13 -0.57 -25.75 -14.55
C VAL B 13 0.66 -25.05 -14.03
N CYS B 14 1.71 -25.11 -14.86
CA CYS B 14 2.95 -24.38 -14.69
C CYS B 14 3.04 -23.33 -15.79
N LEU B 15 3.14 -22.06 -15.39
CA LEU B 15 3.26 -20.95 -16.33
C LEU B 15 4.66 -20.37 -16.30
N ILE B 16 5.34 -20.40 -17.42
CA ILE B 16 6.62 -19.73 -17.56
C ILE B 16 6.42 -18.42 -18.31
N VAL B 17 6.88 -17.33 -17.72
CA VAL B 17 6.89 -16.00 -18.34
C VAL B 17 8.35 -15.67 -18.63
N ILE B 18 8.77 -15.90 -19.88
CA ILE B 18 10.10 -15.48 -20.30
C ILE B 18 10.07 -13.97 -20.41
N ASP B 19 11.15 -13.31 -20.00
CA ASP B 19 11.26 -11.87 -20.13
C ASP B 19 12.00 -11.56 -21.42
N GLY B 20 11.32 -10.85 -22.33
CA GLY B 20 11.94 -10.29 -23.52
C GLY B 20 12.15 -11.29 -24.63
N TRP B 21 11.15 -12.10 -24.92
CA TRP B 21 11.29 -13.21 -25.86
C TRP B 21 10.15 -13.08 -26.84
N GLY B 22 10.40 -12.41 -27.98
CA GLY B 22 9.38 -12.20 -28.99
C GLY B 22 9.51 -13.12 -30.19
N VAL B 23 8.45 -13.18 -31.00
CA VAL B 23 8.39 -14.02 -32.19
C VAL B 23 8.70 -13.15 -33.40
N SER B 24 9.83 -13.42 -34.05
CA SER B 24 10.23 -12.76 -35.29
C SER B 24 10.83 -13.76 -36.26
N GLU B 25 10.29 -13.81 -37.48
CA GLU B 25 10.82 -14.69 -38.51
C GLU B 25 12.05 -14.11 -39.21
N ASP B 26 12.38 -12.85 -38.92
CA ASP B 26 13.60 -12.24 -39.43
C ASP B 26 14.81 -12.70 -38.62
N PRO B 27 15.83 -13.29 -39.24
CA PRO B 27 16.99 -13.75 -38.49
C PRO B 27 18.10 -12.73 -38.24
N TYR B 28 18.07 -11.56 -38.86
CA TYR B 28 19.17 -10.64 -38.64
C TYR B 28 19.17 -10.16 -37.20
N GLY B 29 20.25 -10.44 -36.49
CA GLY B 29 20.37 -10.07 -35.09
C GLY B 29 19.37 -10.74 -34.19
N ASN B 30 18.85 -11.90 -34.59
CA ASN B 30 17.77 -12.57 -33.86
C ASN B 30 18.39 -13.63 -32.94
N ALA B 31 18.63 -13.24 -31.69
CA ALA B 31 19.37 -14.11 -30.77
C ALA B 31 18.59 -15.36 -30.41
N ILE B 32 17.27 -15.32 -30.52
CA ILE B 32 16.49 -16.52 -30.24
C ILE B 32 16.62 -17.52 -31.37
N LEU B 33 16.31 -17.07 -32.58
CA LEU B 33 16.39 -17.95 -33.74
C LEU B 33 17.78 -18.56 -33.85
N ASN B 34 18.81 -17.73 -33.71
CA ASN B 34 20.19 -18.16 -33.91
C ASN B 34 20.73 -18.99 -32.75
N ALA B 35 20.26 -18.74 -31.53
CA ALA B 35 20.69 -19.58 -30.42
C ALA B 35 20.15 -21.01 -30.57
N GLN B 36 20.88 -21.96 -30.01
CA GLN B 36 20.37 -23.31 -29.83
C GLN B 36 19.17 -23.28 -28.89
N THR B 37 17.97 -23.45 -29.44
CA THR B 37 16.73 -23.44 -28.65
C THR B 37 15.84 -24.60 -29.04
N PRO B 38 16.35 -25.83 -28.96
CA PRO B 38 15.52 -26.96 -29.40
C PRO B 38 14.25 -27.18 -28.57
N VAL B 39 14.20 -26.71 -27.32
CA VAL B 39 12.99 -26.93 -26.52
C VAL B 39 11.88 -26.01 -27.01
N MET B 40 12.15 -24.71 -27.09
CA MET B 40 11.14 -23.78 -27.55
C MET B 40 10.85 -23.96 -29.03
N ASP B 41 11.82 -24.44 -29.82
CA ASP B 41 11.52 -24.84 -31.20
C ASP B 41 10.42 -25.89 -31.24
N LYS B 42 10.41 -26.82 -30.28
CA LYS B 42 9.35 -27.82 -30.25
C LYS B 42 8.07 -27.26 -29.66
N LEU B 43 8.16 -26.65 -28.46
CA LEU B 43 6.96 -26.13 -27.79
C LEU B 43 6.24 -25.10 -28.66
N CYS B 44 6.99 -24.31 -29.43
CA CYS B 44 6.42 -23.34 -30.36
C CYS B 44 6.24 -23.95 -31.75
N SER B 45 5.46 -25.04 -31.77
CA SER B 45 5.15 -25.77 -32.99
C SER B 45 3.81 -26.43 -32.78
N GLY B 46 3.11 -26.68 -33.88
CA GLY B 46 1.83 -27.35 -33.79
C GLY B 46 0.81 -26.44 -33.10
N ASN B 47 0.13 -26.98 -32.09
CA ASN B 47 -0.79 -26.18 -31.29
C ASN B 47 -0.05 -25.16 -30.42
N TRP B 48 0.16 -23.97 -30.95
CA TRP B 48 0.64 -22.85 -30.15
C TRP B 48 0.15 -21.55 -30.76
N ALA B 49 0.05 -20.52 -29.92
CA ALA B 49 -0.47 -19.24 -30.34
C ALA B 49 0.63 -18.19 -30.31
N GLN B 50 0.38 -17.10 -31.02
CA GLN B 50 1.19 -15.90 -30.96
C GLN B 50 0.28 -14.76 -30.52
N ILE B 51 0.61 -14.11 -29.40
CA ILE B 51 -0.29 -13.14 -28.78
C ILE B 51 0.41 -11.80 -28.61
N GLU B 52 -0.42 -10.75 -28.55
CA GLU B 52 0.07 -9.37 -28.57
C GLU B 52 0.43 -8.88 -27.16
N ALA B 53 1.45 -8.00 -27.13
CA ALA B 53 2.10 -7.59 -25.89
C ALA B 53 2.61 -6.16 -25.98
N HIS B 54 2.10 -5.38 -26.91
CA HIS B 54 2.52 -3.98 -27.07
C HIS B 54 1.29 -3.15 -27.39
N GLY B 55 1.44 -1.83 -27.29
CA GLY B 55 0.41 -0.98 -27.88
C GLY B 55 -0.92 -1.20 -27.22
N LEU B 56 -1.98 -0.94 -28.00
CA LEU B 56 -3.32 -0.91 -27.37
C LEU B 56 -3.76 -2.28 -26.91
N HIS B 57 -3.12 -3.33 -27.46
CA HIS B 57 -3.40 -4.69 -27.03
C HIS B 57 -3.15 -4.84 -25.53
N VAL B 58 -2.28 -4.00 -24.96
CA VAL B 58 -2.02 -4.09 -23.53
C VAL B 58 -2.27 -2.74 -22.87
N GLY B 59 -3.16 -1.94 -23.45
CA GLY B 59 -3.59 -0.70 -22.83
C GLY B 59 -2.66 0.48 -23.01
N LEU B 60 -1.62 0.35 -23.83
CA LEU B 60 -0.67 1.43 -24.06
C LEU B 60 -0.99 2.12 -25.36
N PRO B 61 -0.44 3.32 -25.59
CA PRO B 61 -0.66 4.00 -26.86
C PRO B 61 -0.21 3.14 -28.03
N GLU B 62 -0.92 3.32 -29.14
CA GLU B 62 -0.67 2.54 -30.35
C GLU B 62 0.78 2.67 -30.78
N GLY B 63 1.36 1.54 -31.22
CA GLY B 63 2.74 1.54 -31.66
C GLY B 63 3.79 1.55 -30.56
N LEU B 64 3.40 1.66 -29.30
CA LEU B 64 4.38 1.71 -28.21
C LEU B 64 4.79 0.30 -27.78
N MET B 65 6.09 0.09 -27.66
CA MET B 65 6.60 -1.22 -27.30
C MET B 65 6.16 -1.59 -25.89
N GLY B 66 6.05 -2.89 -25.65
CA GLY B 66 5.68 -3.39 -24.37
C GLY B 66 6.81 -3.20 -23.36
N ASN B 67 6.53 -3.58 -22.10
CA ASN B 67 7.56 -3.57 -21.08
C ASN B 67 7.16 -4.49 -19.93
N SER B 68 8.12 -4.70 -19.01
CA SER B 68 7.98 -5.75 -18.00
C SER B 68 6.83 -5.44 -17.06
N GLU B 69 6.67 -4.17 -16.70
CA GLU B 69 5.64 -3.81 -15.73
C GLU B 69 4.24 -3.95 -16.33
N VAL B 70 4.02 -3.38 -17.52
CA VAL B 70 2.77 -3.56 -18.23
C VAL B 70 2.53 -5.03 -18.51
N GLY B 71 3.55 -5.74 -19.02
CA GLY B 71 3.35 -7.10 -19.46
C GLY B 71 2.92 -8.03 -18.33
N HIS B 72 3.60 -7.96 -17.19
CA HIS B 72 3.23 -8.83 -16.09
C HIS B 72 1.89 -8.41 -15.49
N LEU B 73 1.62 -7.10 -15.45
CA LEU B 73 0.31 -6.65 -14.97
C LEU B 73 -0.82 -7.23 -15.82
N ASN B 74 -0.68 -7.18 -17.16
CA ASN B 74 -1.74 -7.68 -18.05
C ASN B 74 -1.84 -9.20 -17.98
N ILE B 75 -0.71 -9.91 -18.01
CA ILE B 75 -0.74 -11.37 -17.83
C ILE B 75 -1.48 -11.74 -16.55
N GLY B 76 -1.09 -11.14 -15.43
CA GLY B 76 -1.69 -11.51 -14.15
C GLY B 76 -3.16 -11.15 -14.02
N ALA B 77 -3.63 -10.19 -14.79
CA ALA B 77 -4.91 -9.56 -14.52
C ALA B 77 -6.05 -10.11 -15.35
N GLY B 78 -5.74 -10.74 -16.47
CA GLY B 78 -6.80 -11.26 -17.32
C GLY B 78 -7.72 -10.19 -17.86
N ARG B 79 -7.21 -8.98 -18.07
CA ARG B 79 -7.93 -7.86 -18.68
C ARG B 79 -6.89 -6.90 -19.18
N VAL B 80 -7.33 -5.99 -20.03
CA VAL B 80 -6.53 -4.83 -20.41
C VAL B 80 -6.63 -3.78 -19.30
N ILE B 81 -5.49 -3.33 -18.81
CA ILE B 81 -5.42 -2.15 -17.96
C ILE B 81 -5.03 -1.01 -18.87
N TYR B 82 -5.95 -0.07 -19.06
CA TYR B 82 -5.71 1.06 -19.95
C TYR B 82 -4.85 2.09 -19.21
N GLN B 83 -3.73 2.44 -19.83
CA GLN B 83 -2.86 3.48 -19.31
C GLN B 83 -3.56 4.83 -19.44
N ASP B 84 -3.19 5.76 -18.53
CA ASP B 84 -3.95 6.98 -18.36
C ASP B 84 -4.24 7.67 -19.68
N ILE B 85 -3.22 7.83 -20.52
CA ILE B 85 -3.37 8.55 -21.79
C ILE B 85 -4.42 7.90 -22.66
N VAL B 86 -4.25 6.61 -22.94
CA VAL B 86 -5.24 5.89 -23.76
C VAL B 86 -6.63 6.04 -23.17
N ARG B 87 -6.73 5.94 -21.86
CA ARG B 87 -8.04 5.86 -21.21
C ARG B 87 -8.80 7.18 -21.28
N ILE B 88 -8.09 8.28 -21.04
CA ILE B 88 -8.71 9.58 -21.13
C ILE B 88 -9.06 9.89 -22.58
N ASN B 89 -8.16 9.56 -23.52
CA ASN B 89 -8.43 9.81 -24.92
C ASN B 89 -9.68 9.07 -25.38
N LEU B 90 -9.88 7.85 -24.90
CA LEU B 90 -11.11 7.15 -25.23
C LEU B 90 -12.34 7.82 -24.60
N ALA B 91 -12.18 8.42 -23.42
CA ALA B 91 -13.30 9.14 -22.84
C ALA B 91 -13.66 10.35 -23.69
N VAL B 92 -12.65 11.11 -24.13
CA VAL B 92 -12.92 12.22 -25.01
C VAL B 92 -13.52 11.75 -26.32
N LYS B 93 -12.92 10.73 -26.95
CA LYS B 93 -13.38 10.28 -28.26
C LYS B 93 -14.86 9.87 -28.21
N ASN B 94 -15.27 9.23 -27.13
CA ASN B 94 -16.61 8.71 -26.96
C ASN B 94 -17.52 9.68 -26.23
N ASN B 95 -17.12 10.93 -26.05
CA ASN B 95 -17.94 11.95 -25.39
C ASN B 95 -18.43 11.49 -24.01
N LYS B 96 -17.50 10.96 -23.22
CA LYS B 96 -17.84 10.41 -21.92
C LYS B 96 -17.32 11.26 -20.76
N PHE B 97 -16.88 12.51 -21.01
CA PHE B 97 -16.68 13.44 -19.91
C PHE B 97 -18.01 13.94 -19.36
N VAL B 98 -18.98 14.23 -20.24
CA VAL B 98 -20.23 14.84 -19.75
C VAL B 98 -20.98 13.88 -18.82
N THR B 99 -20.65 12.58 -18.85
CA THR B 99 -21.23 11.61 -17.92
C THR B 99 -20.26 11.10 -16.86
N ASN B 100 -19.03 11.62 -16.82
CA ASN B 100 -18.06 11.24 -15.81
C ASN B 100 -18.58 11.54 -14.39
N GLU B 101 -18.52 10.52 -13.53
CA GLU B 101 -19.15 10.63 -12.21
C GLU B 101 -18.55 11.76 -11.39
N SER B 102 -17.21 11.87 -11.38
CA SER B 102 -16.57 12.93 -10.61
C SER B 102 -16.75 14.32 -11.24
N LEU B 103 -16.74 14.42 -12.57
CA LEU B 103 -16.94 15.72 -13.19
C LEU B 103 -18.35 16.24 -12.94
N VAL B 104 -19.34 15.36 -13.06
CA VAL B 104 -20.71 15.76 -12.72
C VAL B 104 -20.79 16.18 -11.25
N ASP B 105 -20.09 15.47 -10.37
CA ASP B 105 -20.09 15.83 -8.95
C ASP B 105 -19.52 17.23 -8.75
N ALA B 106 -18.38 17.52 -9.36
CA ALA B 106 -17.78 18.84 -9.23
C ALA B 106 -18.69 19.92 -9.81
N CYS B 107 -19.34 19.62 -10.94
CA CYS B 107 -20.25 20.60 -11.53
C CYS B 107 -21.49 20.80 -10.65
N ASP B 108 -22.05 19.73 -10.10
CA ASP B 108 -23.13 19.86 -9.14
C ASP B 108 -22.70 20.59 -7.88
N ARG B 109 -21.46 20.43 -7.43
CA ARG B 109 -21.05 21.22 -6.26
C ARG B 109 -21.10 22.71 -6.57
N ALA B 110 -20.61 23.10 -7.75
CA ALA B 110 -20.63 24.50 -8.14
C ALA B 110 -22.06 24.98 -8.36
N LYS B 111 -22.93 24.13 -8.89
CA LYS B 111 -24.29 24.56 -9.21
C LYS B 111 -25.12 24.74 -7.94
N ASN B 112 -24.95 23.85 -6.96
CA ASN B 112 -25.63 23.98 -5.70
C ASN B 112 -24.92 24.93 -4.76
N GLY B 113 -23.73 25.40 -5.13
CA GLY B 113 -22.95 26.32 -4.32
C GLY B 113 -22.85 27.72 -4.93
N ASN B 114 -21.66 28.32 -4.98
CA ASN B 114 -21.51 29.71 -5.40
C ASN B 114 -21.35 29.86 -6.91
N GLY B 115 -21.51 28.77 -7.67
CA GLY B 115 -21.54 28.79 -9.11
C GLY B 115 -20.19 28.74 -9.81
N ARG B 116 -19.09 28.71 -9.06
CA ARG B 116 -17.75 28.99 -9.57
C ARG B 116 -16.91 27.72 -9.62
N LEU B 117 -16.30 27.48 -10.78
CA LEU B 117 -15.41 26.36 -11.02
C LEU B 117 -14.10 26.83 -11.64
N HIS B 118 -13.01 26.14 -11.29
CA HIS B 118 -11.70 26.43 -11.86
C HIS B 118 -11.12 25.19 -12.52
N LEU B 119 -10.36 25.43 -13.58
CA LEU B 119 -9.63 24.43 -14.33
C LEU B 119 -8.19 24.90 -14.31
N ALA B 120 -7.27 24.04 -13.86
CA ALA B 120 -5.87 24.39 -13.81
C ALA B 120 -5.02 23.25 -14.31
N GLY B 121 -3.95 23.57 -15.03
CA GLY B 121 -3.04 22.56 -15.50
C GLY B 121 -2.13 23.08 -16.61
N LEU B 122 -1.26 22.18 -17.07
CA LEU B 122 -0.27 22.52 -18.08
C LEU B 122 -0.93 22.59 -19.45
N VAL B 123 -0.82 23.72 -20.14
CA VAL B 123 -1.53 23.94 -21.39
C VAL B 123 -0.54 23.84 -22.54
N SER B 124 -0.49 22.69 -23.19
CA SER B 124 0.34 22.41 -24.35
C SER B 124 -0.08 21.06 -24.91
N ASP B 125 0.50 20.67 -26.05
CA ASP B 125 0.27 19.33 -26.60
C ASP B 125 1.41 18.37 -26.28
N GLY B 126 2.19 18.66 -25.21
CA GLY B 126 3.28 17.77 -24.84
C GLY B 126 2.83 16.35 -24.58
N GLY B 127 1.73 16.19 -23.87
CA GLY B 127 1.27 14.85 -23.64
C GLY B 127 2.00 14.10 -22.55
N VAL B 128 2.94 14.72 -21.84
CA VAL B 128 3.64 14.04 -20.76
C VAL B 128 2.88 14.20 -19.42
N HIS B 129 2.48 15.44 -19.10
CA HIS B 129 1.69 15.72 -17.90
C HIS B 129 0.22 15.96 -18.18
N SER B 130 -0.15 16.24 -19.42
CA SER B 130 -1.49 16.70 -19.75
C SER B 130 -1.64 16.79 -21.26
N HIS B 131 -2.82 17.20 -21.74
CA HIS B 131 -2.96 17.58 -23.14
C HIS B 131 -4.06 18.62 -23.26
N ILE B 132 -3.78 19.69 -24.01
CA ILE B 132 -4.73 20.77 -24.19
C ILE B 132 -6.07 20.25 -24.70
N ASP B 133 -6.05 19.18 -25.51
CA ASP B 133 -7.31 18.56 -25.95
C ASP B 133 -8.19 18.15 -24.78
N HIS B 134 -7.58 17.64 -23.70
CA HIS B 134 -8.36 17.24 -22.54
C HIS B 134 -9.02 18.44 -21.90
N MET B 135 -8.29 19.54 -21.78
CA MET B 135 -8.83 20.73 -21.17
C MET B 135 -9.99 21.27 -21.98
N PHE B 136 -9.84 21.30 -23.31
CA PHE B 136 -10.94 21.70 -24.19
C PHE B 136 -12.15 20.82 -23.97
N ALA B 137 -11.95 19.51 -23.97
CA ALA B 137 -13.04 18.58 -23.70
C ALA B 137 -13.73 18.92 -22.36
N LEU B 138 -12.94 19.22 -21.33
CA LEU B 138 -13.54 19.55 -20.03
C LEU B 138 -14.40 20.81 -20.13
N VAL B 139 -13.89 21.85 -20.79
CA VAL B 139 -14.66 23.09 -20.93
C VAL B 139 -16.00 22.80 -21.60
N LYS B 140 -15.98 22.02 -22.69
CA LYS B 140 -17.22 21.72 -23.41
C LYS B 140 -18.22 20.99 -22.52
N ALA B 141 -17.72 20.06 -21.71
CA ALA B 141 -18.58 19.24 -20.85
C ALA B 141 -19.16 20.05 -19.70
N ILE B 142 -18.32 20.86 -19.05
CA ILE B 142 -18.76 21.77 -18.00
C ILE B 142 -19.88 22.67 -18.51
N LYS B 143 -19.66 23.30 -19.66
CA LYS B 143 -20.69 24.11 -20.29
C LYS B 143 -21.99 23.33 -20.48
N GLU B 144 -21.93 22.16 -21.08
CA GLU B 144 -23.15 21.37 -21.23
C GLU B 144 -23.76 21.06 -19.87
N LEU B 145 -22.94 20.88 -18.83
CA LEU B 145 -23.48 20.57 -17.52
C LEU B 145 -24.03 21.79 -16.78
N GLY B 146 -23.82 23.00 -17.31
CA GLY B 146 -24.52 24.17 -16.81
C GLY B 146 -23.88 24.88 -15.63
N VAL B 147 -22.56 24.84 -15.50
CA VAL B 147 -21.88 25.54 -14.40
C VAL B 147 -21.91 27.04 -14.67
N PRO B 148 -22.28 27.87 -13.69
CA PRO B 148 -22.42 29.32 -14.00
C PRO B 148 -21.14 30.01 -14.44
N GLU B 149 -20.01 29.82 -13.74
CA GLU B 149 -18.76 30.53 -13.99
C GLU B 149 -17.61 29.55 -14.08
N LEU B 150 -16.76 29.74 -15.08
CA LEU B 150 -15.64 28.84 -15.30
C LEU B 150 -14.39 29.66 -15.59
N TYR B 151 -13.32 29.39 -14.83
CA TYR B 151 -12.07 30.12 -14.91
C TYR B 151 -10.93 29.15 -15.18
N LEU B 152 -10.02 29.54 -16.08
CA LEU B 152 -8.88 28.72 -16.47
C LEU B 152 -7.59 29.29 -15.92
N HIS B 153 -6.74 28.40 -15.41
CA HIS B 153 -5.40 28.71 -14.91
C HIS B 153 -4.42 27.93 -15.75
N PHE B 154 -3.64 28.67 -16.51
CA PHE B 154 -2.86 28.17 -17.64
C PHE B 154 -1.42 28.06 -17.15
N TYR B 155 -0.92 26.83 -17.04
CA TYR B 155 0.50 26.65 -16.71
C TYR B 155 1.30 26.48 -17.99
N GLY B 156 2.30 27.34 -18.16
CA GLY B 156 3.10 27.34 -19.37
C GLY B 156 4.17 26.24 -19.35
N ASP B 157 4.36 25.64 -20.52
CA ASP B 157 5.17 24.44 -20.59
C ASP B 157 6.61 24.77 -20.92
N GLY B 158 6.96 24.78 -22.22
CA GLY B 158 8.30 25.07 -22.66
C GLY B 158 9.31 24.02 -22.27
N ARG B 159 8.84 22.80 -21.96
CA ARG B 159 9.67 21.73 -21.44
C ARG B 159 9.35 20.43 -22.16
N ASP B 160 8.07 20.12 -22.30
CA ASP B 160 7.63 19.03 -23.15
C ASP B 160 7.25 19.55 -24.54
N THR B 161 7.49 20.82 -24.80
CA THR B 161 7.21 21.48 -26.07
C THR B 161 8.21 22.62 -26.16
N SER B 162 8.27 23.26 -27.33
CA SER B 162 9.25 24.32 -27.56
C SER B 162 9.09 25.43 -26.50
N PRO B 163 10.19 26.09 -26.09
CA PRO B 163 10.06 27.14 -25.06
C PRO B 163 9.34 28.40 -25.53
N ASN B 164 8.98 28.51 -26.82
CA ASN B 164 8.18 29.62 -27.31
C ASN B 164 6.89 29.14 -27.98
N SER B 165 6.44 27.93 -27.65
CA SER B 165 5.16 27.47 -28.16
C SER B 165 4.00 28.00 -27.34
N GLY B 166 4.23 28.44 -26.10
CA GLY B 166 3.13 28.83 -25.23
C GLY B 166 2.20 29.83 -25.88
N VAL B 167 2.78 30.80 -26.58
CA VAL B 167 1.95 31.86 -27.17
C VAL B 167 0.96 31.27 -28.15
N GLY B 168 1.35 30.19 -28.83
CA GLY B 168 0.40 29.50 -29.70
C GLY B 168 -0.69 28.82 -28.92
N PHE B 169 -0.32 28.11 -27.85
CA PHE B 169 -1.34 27.48 -27.03
C PHE B 169 -2.24 28.52 -26.39
N LEU B 170 -1.72 29.71 -26.12
CA LEU B 170 -2.54 30.77 -25.55
C LEU B 170 -3.57 31.29 -26.57
N GLU B 171 -3.15 31.50 -27.83
CA GLU B 171 -4.08 31.89 -28.89
C GLU B 171 -5.15 30.84 -29.11
N GLN B 172 -4.75 29.58 -29.17
CA GLN B 172 -5.73 28.51 -29.24
C GLN B 172 -6.76 28.67 -28.13
N THR B 173 -6.28 28.91 -26.90
CA THR B 173 -7.18 28.87 -25.75
C THR B 173 -8.14 30.05 -25.79
N LEU B 174 -7.65 31.26 -26.10
CA LEU B 174 -8.52 32.42 -26.18
C LEU B 174 -9.58 32.26 -27.25
N GLU B 175 -9.16 31.81 -28.44
CA GLU B 175 -10.10 31.66 -29.56
C GLU B 175 -11.13 30.60 -29.25
N PHE B 176 -10.70 29.50 -28.62
CA PHE B 176 -11.61 28.43 -28.24
C PHE B 176 -12.66 28.97 -27.26
N LEU B 177 -12.21 29.69 -26.24
CA LEU B 177 -13.14 30.22 -25.24
C LEU B 177 -14.08 31.27 -25.84
N GLU B 178 -13.54 32.21 -26.63
CA GLU B 178 -14.37 33.27 -27.18
C GLU B 178 -15.31 32.72 -28.25
N LYS B 179 -14.75 32.02 -29.24
CA LYS B 179 -15.47 31.69 -30.48
C LYS B 179 -16.05 30.28 -30.51
N THR B 180 -15.45 29.30 -29.83
CA THR B 180 -15.95 27.93 -29.96
C THR B 180 -16.99 27.57 -28.89
N THR B 181 -16.67 27.83 -27.62
CA THR B 181 -17.64 27.60 -26.56
C THR B 181 -18.42 28.85 -26.23
N GLY B 182 -17.81 30.01 -26.44
CA GLY B 182 -18.36 31.24 -25.93
C GLY B 182 -18.55 31.22 -24.44
N TYR B 183 -17.66 30.53 -23.73
CA TYR B 183 -17.89 30.16 -22.34
C TYR B 183 -16.56 29.84 -21.69
N GLY B 184 -16.39 30.29 -20.46
CA GLY B 184 -15.10 30.14 -19.81
C GLY B 184 -14.18 31.32 -20.08
N LYS B 185 -13.31 31.58 -19.12
CA LYS B 185 -12.49 32.77 -19.04
C LYS B 185 -11.10 32.38 -18.56
N LEU B 186 -10.07 32.84 -19.27
CA LEU B 186 -8.70 32.68 -18.80
C LEU B 186 -8.44 33.67 -17.68
N ALA B 187 -7.96 33.15 -16.52
CA ALA B 187 -7.69 33.96 -15.34
C ALA B 187 -6.21 34.10 -14.98
N THR B 188 -5.37 33.12 -15.29
CA THR B 188 -3.98 33.14 -14.88
C THR B 188 -3.13 32.49 -15.96
N VAL B 189 -1.94 33.04 -16.18
CA VAL B 189 -0.86 32.40 -16.95
C VAL B 189 0.40 32.39 -16.08
N VAL B 190 1.07 31.24 -15.95
CA VAL B 190 2.27 31.16 -15.10
C VAL B 190 3.07 29.91 -15.48
N GLY B 191 4.39 30.03 -15.44
CA GLY B 191 5.25 28.94 -15.90
C GLY B 191 5.14 27.72 -15.03
N ARG B 192 5.35 26.55 -15.65
CA ARG B 192 5.39 25.30 -14.89
C ARG B 192 6.49 25.29 -13.84
N TYR B 193 7.55 26.07 -14.03
CA TYR B 193 8.60 26.14 -13.02
C TYR B 193 8.01 26.54 -11.67
N TYR B 194 7.03 27.46 -11.67
CA TYR B 194 6.40 27.89 -10.43
C TYR B 194 5.29 26.94 -10.02
N ALA B 195 4.39 26.60 -10.96
CA ALA B 195 3.15 25.90 -10.64
C ALA B 195 3.33 24.40 -10.39
N MET B 196 4.35 23.79 -10.98
CA MET B 196 4.44 22.34 -11.08
C MET B 196 5.78 21.82 -10.54
N ASP B 197 6.28 22.50 -9.51
CA ASP B 197 7.49 22.07 -8.80
C ASP B 197 7.26 20.78 -8.03
N ARG B 198 8.29 19.93 -8.00
CA ARG B 198 8.21 18.66 -7.29
C ARG B 198 9.40 18.40 -6.37
N ASP B 199 10.19 19.41 -6.04
CA ASP B 199 11.35 19.26 -5.19
C ASP B 199 11.19 20.05 -3.88
N ASN B 200 9.95 20.30 -3.46
CA ASN B 200 9.67 20.96 -2.20
C ASN B 200 10.27 22.36 -2.16
N ARG B 201 10.28 23.02 -3.30
CA ARG B 201 10.69 24.42 -3.38
C ARG B 201 9.42 25.27 -3.31
N TRP B 202 8.89 25.34 -2.08
CA TRP B 202 7.59 25.99 -1.86
C TRP B 202 7.61 27.48 -2.17
N GLU B 203 8.78 28.11 -2.22
CA GLU B 203 8.82 29.51 -2.65
C GLU B 203 8.51 29.65 -4.14
N ARG B 204 8.65 28.58 -4.91
CA ARG B 204 8.25 28.59 -6.31
C ARG B 204 6.76 28.35 -6.45
N ILE B 205 6.24 27.35 -5.71
CA ILE B 205 4.80 27.12 -5.65
C ILE B 205 4.07 28.39 -5.19
N ASN B 206 4.69 29.15 -4.30
CA ASN B 206 4.01 30.32 -3.77
C ASN B 206 3.73 31.35 -4.87
N VAL B 207 4.55 31.40 -5.91
CA VAL B 207 4.29 32.37 -6.98
C VAL B 207 2.99 32.02 -7.71
N ALA B 208 2.77 30.74 -7.99
CA ALA B 208 1.52 30.31 -8.59
C ALA B 208 0.36 30.45 -7.61
N TYR B 209 0.57 29.98 -6.39
CA TYR B 209 -0.43 30.07 -5.33
C TYR B 209 -0.95 31.49 -5.20
N GLU B 210 -0.04 32.44 -5.01
CA GLU B 210 -0.43 33.83 -4.85
C GLU B 210 -1.07 34.39 -6.12
N ALA B 211 -0.62 33.97 -7.31
CA ALA B 211 -1.29 34.39 -8.53
C ALA B 211 -2.74 33.91 -8.55
N MET B 212 -2.95 32.63 -8.21
CA MET B 212 -4.29 32.07 -8.26
C MET B 212 -5.20 32.67 -7.22
N ILE B 213 -4.76 32.75 -5.96
CA ILE B 213 -5.67 33.17 -4.90
C ILE B 213 -5.66 34.68 -4.66
N GLY B 214 -4.60 35.38 -5.05
CA GLY B 214 -4.53 36.80 -4.78
C GLY B 214 -4.30 37.68 -6.00
N GLY B 215 -4.20 37.07 -7.17
CA GLY B 215 -3.86 37.85 -8.36
C GLY B 215 -2.58 38.65 -8.23
N VAL B 216 -1.56 38.08 -7.58
CA VAL B 216 -0.23 38.68 -7.51
C VAL B 216 0.49 38.41 -8.83
N GLY B 217 0.69 39.47 -9.60
CA GLY B 217 1.30 39.36 -10.91
C GLY B 217 0.97 40.58 -11.77
N GLU B 218 1.22 40.42 -13.08
CA GLU B 218 1.02 41.48 -14.06
C GLU B 218 -0.41 41.43 -14.60
N THR B 219 -1.15 42.53 -14.40
CA THR B 219 -2.50 42.65 -14.91
C THR B 219 -2.53 42.77 -16.43
N SER B 220 -3.47 42.07 -17.04
CA SER B 220 -3.67 42.09 -18.48
C SER B 220 -5.09 41.65 -18.76
N ASP B 221 -5.41 41.47 -20.04
CA ASP B 221 -6.72 41.02 -20.46
C ASP B 221 -6.58 40.20 -21.74
N GLU B 222 -7.72 39.77 -22.28
CA GLU B 222 -7.68 38.91 -23.47
C GLU B 222 -7.00 39.61 -24.64
N ALA B 223 -7.25 40.91 -24.82
CA ALA B 223 -6.69 41.60 -25.98
C ALA B 223 -5.21 41.83 -25.83
N GLY B 224 -4.68 41.77 -24.62
CA GLY B 224 -3.30 42.13 -24.40
C GLY B 224 -2.37 40.99 -24.07
N VAL B 225 -2.92 39.84 -23.66
CA VAL B 225 -2.09 38.86 -22.95
C VAL B 225 -1.06 38.21 -23.89
N VAL B 226 -1.37 38.11 -25.18
CA VAL B 226 -0.38 37.52 -26.08
C VAL B 226 0.82 38.47 -26.21
N GLU B 227 0.53 39.77 -26.32
CA GLU B 227 1.60 40.76 -26.36
C GLU B 227 2.45 40.73 -25.10
N VAL B 228 1.86 40.42 -23.94
CA VAL B 228 2.65 40.36 -22.71
C VAL B 228 3.65 39.23 -22.82
N VAL B 229 3.18 38.07 -23.27
CA VAL B 229 4.04 36.91 -23.37
C VAL B 229 5.11 37.12 -24.42
N ARG B 230 4.77 37.83 -25.51
CA ARG B 230 5.80 38.15 -26.50
C ARG B 230 6.85 39.08 -25.90
N LYS B 231 6.42 40.09 -25.14
CA LYS B 231 7.38 40.90 -24.41
C LYS B 231 8.30 40.01 -23.59
N ARG B 232 7.71 39.08 -22.82
CA ARG B 232 8.53 38.19 -21.99
C ARG B 232 9.55 37.45 -22.84
N TYR B 233 9.09 36.81 -23.93
CA TYR B 233 10.01 36.05 -24.77
C TYR B 233 11.19 36.90 -25.20
N ALA B 234 10.92 38.11 -25.67
CA ALA B 234 11.97 38.99 -26.12
C ALA B 234 13.01 39.23 -25.04
N ALA B 235 12.62 39.06 -23.78
CA ALA B 235 13.55 39.12 -22.65
C ALA B 235 14.07 37.75 -22.24
N ASP B 236 13.95 36.73 -23.10
CA ASP B 236 14.41 35.37 -22.82
C ASP B 236 13.75 34.76 -21.57
N GLU B 237 12.57 35.26 -21.17
CA GLU B 237 11.73 34.58 -20.18
C GLU B 237 10.74 33.73 -20.95
N THR B 238 10.98 32.43 -21.02
CA THR B 238 10.23 31.54 -21.87
C THR B 238 9.11 30.87 -21.08
N ASP B 239 8.40 29.97 -21.77
CA ASP B 239 7.15 29.41 -21.24
C ASP B 239 7.33 28.86 -19.85
N GLU B 240 8.36 28.05 -19.66
CA GLU B 240 8.53 27.35 -18.40
C GLU B 240 8.67 28.33 -17.25
N PHE B 241 9.14 29.54 -17.53
CA PHE B 241 9.53 30.48 -16.49
C PHE B 241 8.66 31.75 -16.46
N LEU B 242 7.52 31.76 -17.16
CA LEU B 242 6.71 32.97 -17.19
C LEU B 242 6.27 33.35 -15.80
N LYS B 243 6.59 34.56 -15.40
CA LYS B 243 6.06 35.07 -14.16
C LYS B 243 4.58 35.39 -14.37
N PRO B 244 3.80 35.39 -13.29
CA PRO B 244 2.33 35.38 -13.42
C PRO B 244 1.76 36.55 -14.23
N ILE B 245 0.73 36.24 -15.00
CA ILE B 245 -0.11 37.24 -15.66
C ILE B 245 -1.53 37.02 -15.21
N ILE B 246 -2.19 38.09 -14.74
CA ILE B 246 -3.46 38.00 -14.03
C ILE B 246 -4.59 38.61 -14.88
N LEU B 247 -5.59 37.80 -15.20
CA LEU B 247 -6.75 38.26 -15.97
C LEU B 247 -8.04 38.09 -15.15
N GLN B 248 -9.02 38.92 -15.46
CA GLN B 248 -10.38 38.97 -14.91
C GLN B 248 -10.45 39.60 -13.51
N GLY B 249 -9.32 40.00 -12.91
CA GLY B 249 -9.37 40.64 -11.62
C GLY B 249 -9.79 39.66 -10.54
N GLU B 250 -10.37 40.22 -9.45
CA GLU B 250 -10.70 39.37 -8.30
C GLU B 250 -11.64 38.23 -8.70
N LYS B 251 -12.54 38.49 -9.65
CA LYS B 251 -13.48 37.49 -10.14
C LYS B 251 -12.78 36.17 -10.41
N GLY B 252 -11.63 36.23 -11.06
CA GLY B 252 -10.95 35.04 -11.50
C GLY B 252 -10.03 34.40 -10.49
N ARG B 253 -9.91 34.95 -9.29
CA ARG B 253 -9.12 34.26 -8.28
C ARG B 253 -9.89 33.08 -7.72
N VAL B 254 -9.13 32.17 -7.11
CA VAL B 254 -9.69 31.08 -6.33
C VAL B 254 -10.11 31.67 -4.99
N GLN B 255 -11.43 31.80 -4.78
CA GLN B 255 -12.01 32.45 -3.61
C GLN B 255 -12.68 31.43 -2.70
N ASN B 256 -13.18 31.92 -1.58
CA ASN B 256 -13.92 31.08 -0.65
C ASN B 256 -15.02 30.28 -1.37
N ASP B 257 -15.13 29.00 -1.01
CA ASP B 257 -16.19 28.12 -1.49
C ASP B 257 -16.03 27.71 -2.96
N ASP B 258 -14.94 28.05 -3.64
CA ASP B 258 -14.78 27.65 -5.03
C ASP B 258 -14.46 26.16 -5.16
N THR B 259 -14.76 25.62 -6.33
CA THR B 259 -14.43 24.25 -6.70
C THR B 259 -13.32 24.30 -7.74
N ILE B 260 -12.32 23.41 -7.65
CA ILE B 260 -11.22 23.44 -8.62
C ILE B 260 -10.86 22.03 -9.10
N ILE B 261 -10.59 21.94 -10.40
CA ILE B 261 -10.22 20.71 -11.10
C ILE B 261 -8.85 20.92 -11.71
N PHE B 262 -7.89 20.07 -11.37
CA PHE B 262 -6.59 20.04 -12.03
C PHE B 262 -6.64 18.97 -13.12
N PHE B 263 -6.24 19.30 -14.34
CA PHE B 263 -6.46 18.35 -15.43
C PHE B 263 -5.20 17.59 -15.87
N ASP B 264 -4.05 17.82 -15.24
CA ASP B 264 -2.89 16.96 -15.47
C ASP B 264 -3.20 15.54 -15.01
N TYR B 265 -2.79 14.57 -15.81
CA TYR B 265 -2.91 13.18 -15.40
C TYR B 265 -1.64 12.61 -14.78
N ARG B 266 -0.52 13.34 -14.80
CA ARG B 266 0.71 12.89 -14.18
C ARG B 266 0.83 13.47 -12.77
N ALA B 267 0.84 12.59 -11.77
CA ALA B 267 0.66 13.03 -10.38
C ALA B 267 1.85 13.81 -9.84
N ASP B 268 3.08 13.56 -10.31
CA ASP B 268 4.21 14.01 -9.51
C ASP B 268 4.28 15.53 -9.45
N ARG B 269 4.03 16.23 -10.54
CA ARG B 269 4.15 17.67 -10.50
C ARG B 269 2.84 18.36 -10.13
N MET B 270 1.81 17.60 -9.73
CA MET B 270 0.56 18.13 -9.22
C MET B 270 0.48 18.10 -7.69
N ARG B 271 1.34 17.33 -7.02
CA ARG B 271 1.17 17.09 -5.58
C ARG B 271 1.30 18.39 -4.81
N GLU B 272 2.30 19.19 -5.13
CA GLU B 272 2.56 20.41 -4.36
C GLU B 272 1.43 21.42 -4.54
N ILE B 273 1.10 21.78 -5.78
CA ILE B 273 0.09 22.84 -5.96
C ILE B 273 -1.29 22.37 -5.50
N SER B 274 -1.62 21.08 -5.69
CA SER B 274 -2.95 20.62 -5.26
C SER B 274 -3.02 20.48 -3.74
N ALA B 275 -1.90 20.07 -3.10
CA ALA B 275 -1.86 20.02 -1.64
C ALA B 275 -2.00 21.42 -1.06
N ALA B 276 -1.37 22.41 -1.69
CA ALA B 276 -1.49 23.79 -1.23
C ALA B 276 -2.95 24.23 -1.24
N MET B 277 -3.71 23.76 -2.22
CA MET B 277 -5.07 24.25 -2.36
C MET B 277 -6.04 23.46 -1.50
N GLY B 278 -5.82 22.16 -1.34
CA GLY B 278 -6.80 21.37 -0.65
C GLY B 278 -6.30 20.43 0.41
N MET B 279 -5.16 20.70 1.04
CA MET B 279 -4.64 19.70 1.98
C MET B 279 -3.73 20.26 3.08
N ASP B 280 -3.91 21.53 3.45
CA ASP B 280 -3.16 22.22 4.53
C ASP B 280 -1.69 22.47 4.18
N ARG B 281 -1.29 22.37 2.90
CA ARG B 281 0.12 22.67 2.59
C ARG B 281 0.27 24.15 2.23
N TYR B 282 -0.80 24.96 2.30
CA TYR B 282 -0.62 26.38 1.97
C TYR B 282 0.31 27.09 2.97
N LYS B 283 0.36 26.60 4.21
CA LYS B 283 1.29 27.12 5.21
C LYS B 283 2.71 27.07 4.69
N ASP B 284 3.09 26.00 3.97
CA ASP B 284 4.43 25.90 3.42
C ASP B 284 4.74 27.05 2.47
N CYS B 285 3.72 27.51 1.70
CA CYS B 285 3.92 28.63 0.78
C CYS B 285 4.32 29.91 1.51
N ASN B 286 3.95 30.03 2.78
CA ASN B 286 4.43 31.08 3.67
C ASN B 286 4.04 32.45 3.13
N SER B 287 2.78 32.54 2.72
CA SER B 287 2.21 33.73 2.12
C SER B 287 1.57 34.61 3.18
N LYS B 288 1.64 35.92 2.98
CA LYS B 288 0.87 36.83 3.82
C LYS B 288 -0.62 36.76 3.52
N LEU B 289 -1.02 36.14 2.40
CA LEU B 289 -2.40 36.14 1.95
C LEU B 289 -3.25 35.17 2.75
N ALA B 290 -4.51 35.55 2.94
CA ALA B 290 -5.45 34.67 3.62
C ALA B 290 -5.81 33.51 2.71
N HIS B 291 -5.78 32.32 3.25
CA HIS B 291 -6.13 31.17 2.44
C HIS B 291 -7.65 31.08 2.29
N PRO B 292 -8.17 30.78 1.10
CA PRO B 292 -9.63 30.67 0.96
C PRO B 292 -10.18 29.42 1.67
N SER B 293 -11.33 29.59 2.29
CA SER B 293 -12.01 28.54 3.05
C SER B 293 -12.89 27.69 2.13
N ASN B 294 -13.00 26.40 2.46
CA ASN B 294 -14.03 25.52 1.91
C ASN B 294 -13.86 25.29 0.40
N LEU B 295 -12.60 25.22 -0.05
CA LEU B 295 -12.33 24.75 -1.40
C LEU B 295 -12.59 23.25 -1.48
N GLN B 296 -13.01 22.79 -2.64
CA GLN B 296 -12.93 21.36 -2.95
C GLN B 296 -12.09 21.15 -4.22
N VAL B 297 -11.18 20.19 -4.17
CA VAL B 297 -10.23 19.93 -5.24
C VAL B 297 -10.57 18.60 -5.89
N TYR B 298 -10.49 18.56 -7.21
CA TYR B 298 -10.56 17.36 -8.01
C TYR B 298 -9.31 17.27 -8.88
N GLY B 299 -8.84 16.07 -9.12
CA GLY B 299 -7.78 15.86 -10.09
C GLY B 299 -8.21 14.95 -11.21
N MET B 300 -7.52 15.05 -12.33
CA MET B 300 -7.85 14.20 -13.47
C MET B 300 -7.69 12.74 -13.09
N THR B 301 -6.68 12.45 -12.27
CA THR B 301 -6.30 11.13 -11.79
C THR B 301 -5.95 11.25 -10.32
N GLN B 302 -5.60 10.12 -9.70
CA GLN B 302 -5.23 10.17 -8.29
C GLN B 302 -3.83 10.75 -8.12
N TYR B 303 -3.71 11.81 -7.34
CA TYR B 303 -2.42 12.45 -7.12
C TYR B 303 -1.68 11.85 -5.91
N LYS B 304 -2.41 11.52 -4.85
CA LYS B 304 -1.83 10.77 -3.74
C LYS B 304 -2.99 10.11 -3.01
N ALA B 305 -2.79 8.86 -2.61
CA ALA B 305 -3.85 8.14 -1.92
C ALA B 305 -4.31 8.89 -0.66
N GLU B 306 -3.38 9.55 0.05
CA GLU B 306 -3.71 10.26 1.29
C GLU B 306 -4.47 11.55 1.03
N PHE B 307 -4.69 11.93 -0.22
CA PHE B 307 -5.45 13.14 -0.52
C PHE B 307 -6.94 12.84 -0.48
N PRO B 308 -7.76 13.80 -0.02
CA PRO B 308 -9.22 13.62 -0.03
C PRO B 308 -9.88 13.87 -1.38
N PHE B 309 -9.10 14.13 -2.42
CA PHE B 309 -9.65 14.60 -3.68
C PHE B 309 -10.30 13.47 -4.48
N LYS B 310 -11.45 13.78 -5.07
CA LYS B 310 -12.02 12.87 -6.05
C LYS B 310 -11.23 12.97 -7.34
N SER B 311 -11.23 11.88 -8.11
CA SER B 311 -10.51 11.77 -9.39
C SER B 311 -11.50 11.56 -10.53
N LEU B 312 -11.32 12.32 -11.63
CA LEU B 312 -12.14 12.05 -12.82
C LEU B 312 -11.92 10.63 -13.31
N PHE B 313 -10.67 10.17 -13.27
CA PHE B 313 -10.32 8.82 -13.69
C PHE B 313 -9.55 8.13 -12.56
N PRO B 314 -10.26 7.60 -11.57
CA PRO B 314 -9.57 6.96 -10.45
C PRO B 314 -8.93 5.67 -10.90
N PRO B 315 -8.07 5.09 -10.07
CA PRO B 315 -7.35 3.88 -10.48
C PRO B 315 -8.28 2.72 -10.75
N ALA B 316 -8.03 2.01 -11.85
CA ALA B 316 -8.72 0.75 -12.09
C ALA B 316 -8.48 -0.21 -10.92
N SER B 317 -9.49 -1.01 -10.62
CA SER B 317 -9.47 -1.70 -9.34
C SER B 317 -8.69 -3.00 -9.40
N ASN B 318 -8.78 -3.73 -10.50
CA ASN B 318 -8.10 -5.01 -10.59
C ASN B 318 -8.49 -5.94 -9.46
N LYS B 319 -9.75 -5.90 -9.07
CA LYS B 319 -10.33 -6.99 -8.29
C LYS B 319 -10.18 -8.29 -9.08
N ASN B 320 -9.83 -9.35 -8.38
CA ASN B 320 -9.84 -10.70 -8.94
C ASN B 320 -8.86 -10.84 -10.09
N VAL B 321 -7.65 -10.32 -9.92
CA VAL B 321 -6.57 -10.82 -10.75
C VAL B 321 -6.38 -12.29 -10.43
N LEU B 322 -5.65 -12.97 -11.31
CA LEU B 322 -5.43 -14.41 -11.17
C LEU B 322 -5.00 -14.77 -9.76
N ALA B 323 -4.04 -14.03 -9.20
CA ALA B 323 -3.51 -14.40 -7.88
C ALA B 323 -4.59 -14.29 -6.81
N GLU B 324 -5.41 -13.24 -6.88
CA GLU B 324 -6.49 -13.10 -5.90
C GLU B 324 -7.57 -14.13 -6.14
N TRP B 325 -7.87 -14.43 -7.41
CA TRP B 325 -8.96 -15.34 -7.71
C TRP B 325 -8.65 -16.76 -7.29
N LEU B 326 -7.43 -17.24 -7.56
CA LEU B 326 -6.99 -18.54 -7.08
C LEU B 326 -7.14 -18.64 -5.57
N ALA B 327 -6.69 -17.62 -4.85
CA ALA B 327 -6.90 -17.60 -3.41
C ALA B 327 -8.39 -17.67 -3.05
N GLU B 328 -9.22 -16.84 -3.71
CA GLU B 328 -10.66 -16.93 -3.45
C GLU B 328 -11.18 -18.34 -3.66
N GLN B 329 -10.77 -18.97 -4.75
CA GLN B 329 -11.15 -20.34 -4.98
C GLN B 329 -10.45 -21.33 -4.08
N LYS B 330 -9.68 -20.89 -3.09
CA LYS B 330 -8.94 -21.78 -2.18
C LYS B 330 -8.04 -22.74 -2.97
N VAL B 331 -7.27 -22.15 -3.88
CA VAL B 331 -6.21 -22.85 -4.60
C VAL B 331 -4.90 -22.15 -4.29
N SER B 332 -3.89 -22.93 -3.92
CA SER B 332 -2.59 -22.36 -3.57
C SER B 332 -1.76 -22.15 -4.84
N GLN B 333 -0.66 -21.41 -4.69
CA GLN B 333 0.09 -20.96 -5.85
C GLN B 333 1.53 -20.61 -5.46
N PHE B 334 2.41 -20.65 -6.46
CA PHE B 334 3.83 -20.39 -6.27
C PHE B 334 4.29 -19.41 -7.33
N HIS B 335 5.01 -18.36 -6.91
CA HIS B 335 5.60 -17.38 -7.82
C HIS B 335 7.10 -17.31 -7.55
N CYS B 336 7.91 -17.41 -8.61
CA CYS B 336 9.37 -17.41 -8.49
C CYS B 336 10.02 -16.53 -9.55
N ALA B 337 11.00 -15.74 -9.14
CA ALA B 337 11.83 -15.01 -10.08
C ALA B 337 13.18 -14.80 -9.44
N GLU B 338 14.17 -14.44 -10.27
CA GLU B 338 15.40 -13.94 -9.70
C GLU B 338 15.27 -12.44 -9.49
N THR B 339 16.24 -11.89 -8.76
CA THR B 339 16.13 -10.56 -8.18
C THR B 339 15.59 -9.54 -9.17
N GLU B 340 16.17 -9.49 -10.35
CA GLU B 340 15.88 -8.42 -11.30
C GLU B 340 14.41 -8.37 -11.68
N LYS B 341 13.69 -9.49 -11.64
CA LYS B 341 12.29 -9.49 -12.03
C LYS B 341 11.38 -9.92 -10.87
N TYR B 342 11.88 -9.83 -9.64
CA TYR B 342 11.08 -10.29 -8.50
C TYR B 342 9.83 -9.43 -8.32
N ALA B 343 9.97 -8.11 -8.40
CA ALA B 343 8.81 -7.24 -8.33
C ALA B 343 7.77 -7.62 -9.36
N HIS B 344 8.22 -8.12 -10.50
CA HIS B 344 7.33 -8.34 -11.62
C HIS B 344 6.42 -9.53 -11.39
N VAL B 345 6.92 -10.56 -10.69
CA VAL B 345 6.10 -11.72 -10.39
C VAL B 345 5.33 -11.57 -9.09
N THR B 346 5.44 -10.42 -8.41
CA THR B 346 4.70 -10.15 -7.19
C THR B 346 3.89 -8.86 -7.36
N PHE B 347 4.52 -7.70 -7.15
CA PHE B 347 3.83 -6.42 -7.23
C PHE B 347 3.03 -6.28 -8.53
N PHE B 348 3.65 -6.52 -9.69
CA PHE B 348 2.93 -6.20 -10.92
C PHE B 348 2.00 -7.34 -11.35
N PHE B 349 2.47 -8.58 -11.26
CA PHE B 349 1.61 -9.71 -11.61
C PHE B 349 0.32 -9.71 -10.79
N ASN B 350 0.38 -9.25 -9.55
CA ASN B 350 -0.76 -9.26 -8.64
C ASN B 350 -1.63 -8.00 -8.76
N GLY B 351 -1.47 -7.21 -9.81
CA GLY B 351 -2.31 -6.06 -10.03
C GLY B 351 -1.65 -4.71 -9.86
N GLY B 352 -0.34 -4.65 -9.67
CA GLY B 352 0.30 -3.37 -9.47
C GLY B 352 0.09 -2.79 -8.08
N LEU B 353 0.15 -3.64 -7.06
CA LEU B 353 0.05 -3.21 -5.67
C LEU B 353 0.85 -4.20 -4.85
N GLU B 354 1.21 -3.81 -3.62
CA GLU B 354 1.98 -4.69 -2.74
C GLU B 354 1.00 -5.48 -1.90
N LYS B 355 0.53 -6.61 -2.44
CA LYS B 355 -0.45 -7.47 -1.79
C LYS B 355 -0.16 -8.91 -2.13
N GLN B 356 -0.13 -9.75 -1.10
CA GLN B 356 0.09 -11.18 -1.27
C GLN B 356 -1.15 -11.89 -0.77
N PHE B 357 -1.64 -12.87 -1.52
CA PHE B 357 -2.89 -13.50 -1.15
C PHE B 357 -2.68 -14.81 -0.41
N GLU B 358 -3.75 -15.26 0.22
CA GLU B 358 -3.69 -16.46 1.04
C GLU B 358 -3.33 -17.66 0.16
N GLY B 359 -2.37 -18.45 0.63
CA GLY B 359 -1.92 -19.62 -0.07
C GLY B 359 -0.90 -19.33 -1.14
N GLU B 360 -0.55 -18.06 -1.34
CA GLU B 360 0.48 -17.65 -2.28
C GLU B 360 1.87 -17.81 -1.65
N GLU B 361 2.71 -18.65 -2.25
CA GLU B 361 4.09 -18.83 -1.79
C GLU B 361 5.02 -18.13 -2.78
N ARG B 362 6.05 -17.46 -2.26
CA ARG B 362 6.96 -16.66 -3.07
C ARG B 362 8.40 -17.14 -2.89
N CYS B 363 9.17 -17.09 -3.96
CA CYS B 363 10.57 -17.52 -3.93
C CYS B 363 11.43 -16.51 -4.67
N LEU B 364 12.49 -16.06 -4.04
CA LEU B 364 13.45 -15.17 -4.68
C LEU B 364 14.76 -15.92 -4.89
N VAL B 365 15.25 -15.91 -6.12
CA VAL B 365 16.56 -16.47 -6.46
C VAL B 365 17.53 -15.31 -6.68
N PRO B 366 18.65 -15.25 -5.96
CA PRO B 366 19.56 -14.10 -6.14
C PRO B 366 20.12 -13.99 -7.56
N SER B 367 20.08 -12.77 -8.12
CA SER B 367 20.75 -12.52 -9.38
C SER B 367 22.26 -12.45 -9.18
N PRO B 368 23.04 -12.81 -10.20
CA PRO B 368 24.49 -12.81 -10.03
C PRO B 368 25.05 -11.43 -9.79
N LYS B 369 26.14 -11.38 -9.04
CA LYS B 369 26.83 -10.12 -8.72
C LYS B 369 27.97 -9.93 -9.73
N VAL B 370 27.60 -9.42 -10.89
CA VAL B 370 28.54 -9.06 -11.93
C VAL B 370 28.27 -7.60 -12.27
N ALA B 371 29.29 -6.95 -12.82
CA ALA B 371 29.15 -5.53 -13.16
C ALA B 371 28.02 -5.31 -14.16
N THR B 372 27.94 -6.17 -15.18
CA THR B 372 26.89 -6.11 -16.20
C THR B 372 26.51 -7.53 -16.59
N TYR B 373 25.27 -7.71 -17.05
CA TYR B 373 24.76 -9.07 -17.13
C TYR B 373 25.27 -9.84 -18.36
N ASP B 374 25.78 -9.15 -19.38
CA ASP B 374 26.45 -9.86 -20.45
C ASP B 374 27.66 -10.63 -19.94
N LEU B 375 28.21 -10.29 -18.76
CA LEU B 375 29.33 -11.04 -18.23
C LEU B 375 28.92 -12.39 -17.68
N GLN B 376 27.62 -12.61 -17.44
CA GLN B 376 27.10 -13.92 -17.03
C GLN B 376 25.71 -14.08 -17.64
N PRO B 377 25.65 -14.36 -18.94
CA PRO B 377 24.36 -14.27 -19.63
C PRO B 377 23.33 -15.22 -19.12
N GLU B 378 23.73 -16.30 -18.46
CA GLU B 378 22.74 -17.25 -17.98
C GLU B 378 22.04 -16.74 -16.72
N MET B 379 22.50 -15.61 -16.17
CA MET B 379 22.05 -15.03 -14.91
C MET B 379 21.74 -16.15 -13.92
N SER B 380 20.52 -16.21 -13.39
CA SER B 380 20.24 -17.25 -12.42
C SER B 380 19.08 -18.13 -12.86
N ALA B 381 19.02 -18.36 -14.17
CA ALA B 381 17.87 -19.11 -14.70
C ALA B 381 17.86 -20.53 -14.20
N ALA B 382 19.05 -21.15 -14.08
CA ALA B 382 19.14 -22.52 -13.57
C ALA B 382 18.55 -22.64 -12.16
N GLY B 383 18.74 -21.62 -11.32
CA GLY B 383 18.24 -21.71 -9.96
C GLY B 383 16.74 -21.46 -9.88
N VAL B 384 16.22 -20.59 -10.74
CA VAL B 384 14.77 -20.46 -10.89
C VAL B 384 14.18 -21.82 -11.28
N ALA B 385 14.80 -22.45 -12.27
CA ALA B 385 14.36 -23.76 -12.71
C ALA B 385 14.46 -24.79 -11.59
N ASP B 386 15.57 -24.80 -10.84
CA ASP B 386 15.70 -25.71 -9.70
C ASP B 386 14.51 -25.55 -8.74
N LYS B 387 14.15 -24.31 -8.40
CA LYS B 387 13.08 -24.11 -7.43
C LYS B 387 11.71 -24.47 -8.03
N MET B 388 11.52 -24.31 -9.34
CA MET B 388 10.26 -24.72 -9.93
C MET B 388 10.16 -26.24 -9.98
N ILE B 389 11.27 -26.89 -10.30
CA ILE B 389 11.28 -28.35 -10.32
C ILE B 389 11.00 -28.89 -8.93
N GLU B 390 11.50 -28.19 -7.92
CA GLU B 390 11.23 -28.62 -6.54
C GLU B 390 9.74 -28.60 -6.27
N GLN B 391 9.05 -27.54 -6.69
CA GLN B 391 7.60 -27.45 -6.50
C GLN B 391 6.85 -28.48 -7.33
N LEU B 392 7.29 -28.75 -8.57
CA LEU B 392 6.67 -29.79 -9.37
C LEU B 392 6.79 -31.17 -8.71
N GLU B 393 7.97 -31.51 -8.17
CA GLU B 393 8.14 -32.79 -7.46
C GLU B 393 7.27 -32.86 -6.19
N ALA B 394 7.10 -31.75 -5.48
CA ALA B 394 6.18 -31.73 -4.35
C ALA B 394 4.73 -31.87 -4.81
N GLY B 395 4.37 -31.24 -5.93
CA GLY B 395 2.99 -31.30 -6.38
C GLY B 395 2.00 -30.58 -5.48
N THR B 396 2.49 -29.68 -4.63
CA THR B 396 1.63 -29.02 -3.65
C THR B 396 0.71 -28.01 -4.29
N HIS B 397 1.26 -27.15 -5.16
CA HIS B 397 0.53 -26.00 -5.64
C HIS B 397 -0.06 -26.29 -7.00
N PRO B 398 -1.38 -26.20 -7.18
CA PRO B 398 -1.97 -26.46 -8.51
C PRO B 398 -1.57 -25.46 -9.58
N PHE B 399 -1.13 -24.26 -9.22
CA PHE B 399 -0.65 -23.28 -10.18
C PHE B 399 0.72 -22.78 -9.73
N ILE B 400 1.69 -22.82 -10.62
CA ILE B 400 3.02 -22.33 -10.32
C ILE B 400 3.47 -21.53 -11.52
N MET B 401 4.30 -20.51 -11.26
CA MET B 401 4.71 -19.59 -12.32
C MET B 401 6.05 -18.99 -11.96
N CYS B 402 6.82 -18.65 -13.00
CA CYS B 402 8.11 -18.02 -12.79
C CYS B 402 8.37 -17.05 -13.93
N ASN B 403 9.40 -16.24 -13.76
CA ASN B 403 9.98 -15.37 -14.78
C ASN B 403 11.39 -15.87 -15.10
N PHE B 404 11.80 -15.77 -16.35
CA PHE B 404 13.20 -15.96 -16.73
C PHE B 404 13.72 -14.63 -17.26
N ALA B 405 14.66 -14.06 -16.56
CA ALA B 405 15.20 -12.73 -16.83
C ALA B 405 16.17 -12.61 -18.00
N PRO B 406 16.96 -13.64 -18.33
CA PRO B 406 18.15 -13.44 -19.18
C PRO B 406 17.84 -12.78 -20.52
N PRO B 407 16.84 -13.23 -21.27
CA PRO B 407 16.70 -12.63 -22.60
C PRO B 407 16.49 -11.12 -22.53
N ASP B 408 15.67 -10.63 -21.60
CA ASP B 408 15.46 -9.19 -21.51
C ASP B 408 16.68 -8.48 -20.97
N MET B 409 17.21 -8.97 -19.85
CA MET B 409 18.25 -8.22 -19.17
C MET B 409 19.56 -8.22 -19.97
N VAL B 410 19.88 -9.35 -20.61
CA VAL B 410 21.10 -9.40 -21.43
C VAL B 410 20.86 -8.66 -22.75
N GLY B 411 19.63 -8.68 -23.26
CA GLY B 411 19.31 -7.89 -24.45
C GLY B 411 19.60 -6.40 -24.26
N HIS B 412 19.31 -5.88 -23.06
CA HIS B 412 19.51 -4.46 -22.82
C HIS B 412 20.98 -4.09 -22.86
N THR B 413 21.88 -5.06 -22.74
CA THR B 413 23.29 -4.73 -22.85
C THR B 413 23.70 -4.50 -24.30
N GLY B 414 22.90 -4.98 -25.24
CA GLY B 414 23.19 -4.88 -26.65
C GLY B 414 24.27 -5.84 -27.16
N VAL B 415 24.83 -6.70 -26.32
CA VAL B 415 25.84 -7.66 -26.78
C VAL B 415 25.14 -8.84 -27.43
N TYR B 416 25.22 -8.90 -28.76
CA TYR B 416 24.49 -9.93 -29.49
C TYR B 416 24.87 -11.33 -29.07
N GLU B 417 26.17 -11.62 -28.97
CA GLU B 417 26.57 -12.99 -28.65
C GLU B 417 26.21 -13.35 -27.19
N ALA B 418 26.28 -12.39 -26.28
CA ALA B 418 25.80 -12.63 -24.92
C ALA B 418 24.30 -12.92 -24.92
N ALA B 419 23.54 -12.22 -25.76
CA ALA B 419 22.11 -12.49 -25.82
C ALA B 419 21.83 -13.90 -26.32
N VAL B 420 22.65 -14.39 -27.24
CA VAL B 420 22.51 -15.76 -27.72
C VAL B 420 22.67 -16.74 -26.55
N LYS B 421 23.70 -16.52 -25.74
CA LYS B 421 23.93 -17.41 -24.60
C LYS B 421 22.80 -17.30 -23.56
N ALA B 422 22.24 -16.10 -23.39
CA ALA B 422 21.08 -15.93 -22.51
C ALA B 422 19.90 -16.76 -22.97
N CYS B 423 19.60 -16.75 -24.28
CA CYS B 423 18.50 -17.55 -24.82
C CYS B 423 18.81 -19.04 -24.78
N GLU B 424 20.07 -19.42 -24.93
CA GLU B 424 20.40 -20.83 -24.77
C GLU B 424 20.20 -21.26 -23.32
N ALA B 425 20.68 -20.47 -22.38
CA ALA B 425 20.50 -20.87 -20.98
C ALA B 425 19.01 -20.92 -20.63
N THR B 426 18.23 -20.00 -21.18
CA THR B 426 16.80 -20.00 -20.91
C THR B 426 16.14 -21.23 -21.52
N ASP B 427 16.52 -21.58 -22.76
CA ASP B 427 15.96 -22.79 -23.36
C ASP B 427 16.31 -24.03 -22.54
N ILE B 428 17.53 -24.12 -22.02
CA ILE B 428 17.86 -25.27 -21.17
C ILE B 428 16.94 -25.32 -19.94
N ALA B 429 16.77 -24.18 -19.28
CA ALA B 429 15.95 -24.16 -18.07
C ALA B 429 14.51 -24.54 -18.38
N ILE B 430 13.99 -24.12 -19.56
CA ILE B 430 12.61 -24.46 -19.87
C ILE B 430 12.47 -25.95 -20.11
N GLY B 431 13.42 -26.55 -20.83
CA GLY B 431 13.41 -28.01 -20.99
C GLY B 431 13.41 -28.76 -19.68
N ARG B 432 14.21 -28.33 -18.71
CA ARG B 432 14.23 -29.01 -17.41
C ARG B 432 12.88 -28.90 -16.69
N ILE B 433 12.24 -27.73 -16.78
CA ILE B 433 10.89 -27.61 -16.23
C ILE B 433 9.92 -28.49 -17.00
N TYR B 434 10.03 -28.53 -18.32
CA TYR B 434 9.13 -29.37 -19.12
C TYR B 434 9.23 -30.84 -18.74
N GLU B 435 10.43 -31.38 -18.66
CA GLU B 435 10.58 -32.79 -18.25
C GLU B 435 9.91 -33.04 -16.91
N ALA B 436 10.11 -32.15 -15.95
CA ALA B 436 9.44 -32.32 -14.65
C ALA B 436 7.93 -32.25 -14.77
N THR B 437 7.41 -31.36 -15.63
CA THR B 437 5.96 -31.25 -15.68
C THR B 437 5.35 -32.51 -16.25
N GLN B 438 6.06 -33.13 -17.20
CA GLN B 438 5.65 -34.43 -17.70
C GLN B 438 5.76 -35.51 -16.61
N LYS B 439 6.89 -35.54 -15.87
CA LYS B 439 7.01 -36.61 -14.88
C LYS B 439 6.06 -36.45 -13.70
N HIS B 440 5.40 -35.30 -13.51
CA HIS B 440 4.61 -35.09 -12.29
C HIS B 440 3.21 -34.55 -12.55
N GLY B 441 2.71 -34.65 -13.77
CA GLY B 441 1.30 -34.35 -13.99
C GLY B 441 0.94 -32.89 -14.00
N TYR B 442 1.80 -32.03 -14.52
CA TYR B 442 1.47 -30.64 -14.74
C TYR B 442 1.43 -30.38 -16.25
N SER B 443 0.55 -29.48 -16.65
CA SER B 443 0.56 -28.93 -18.01
C SER B 443 1.45 -27.69 -18.01
N LEU B 444 2.27 -27.59 -19.04
CA LEU B 444 3.17 -26.46 -19.22
C LEU B 444 2.57 -25.46 -20.20
N MET B 445 2.60 -24.19 -19.81
CA MET B 445 2.28 -23.08 -20.70
C MET B 445 3.43 -22.10 -20.63
N VAL B 446 3.99 -21.74 -21.78
CA VAL B 446 5.11 -20.81 -21.85
C VAL B 446 4.68 -19.58 -22.64
N THR B 447 5.01 -18.40 -22.12
CA THR B 447 4.67 -17.15 -22.76
C THR B 447 5.80 -16.17 -22.45
N ALA B 448 5.64 -14.92 -22.90
CA ALA B 448 6.59 -13.88 -22.55
C ALA B 448 5.82 -12.59 -22.28
N ASP B 449 6.51 -11.64 -21.63
CA ASP B 449 5.88 -10.37 -21.25
C ASP B 449 5.99 -9.29 -22.32
N HIS B 450 6.85 -9.49 -23.32
CA HIS B 450 7.12 -8.58 -24.42
C HIS B 450 8.38 -9.11 -25.10
N GLY B 451 8.71 -8.60 -26.29
CA GLY B 451 9.94 -9.01 -26.96
C GLY B 451 11.12 -8.16 -26.56
N ASN B 452 12.31 -8.63 -26.97
CA ASN B 452 13.57 -7.89 -26.84
C ASN B 452 14.68 -8.59 -27.61
N ALA B 453 14.96 -9.84 -27.21
CA ALA B 453 16.16 -10.54 -27.65
C ALA B 453 16.06 -11.05 -29.08
N GLU B 454 14.84 -11.09 -29.65
CA GLU B 454 14.67 -11.45 -31.06
C GLU B 454 15.12 -10.34 -32.00
N LYS B 455 15.45 -9.15 -31.48
CA LYS B 455 15.88 -8.03 -32.30
C LYS B 455 17.03 -7.30 -31.60
N MET B 456 18.25 -7.79 -31.79
CA MET B 456 19.43 -7.23 -31.16
C MET B 456 20.18 -6.22 -32.03
N LYS B 457 19.81 -6.10 -33.30
CA LYS B 457 20.57 -5.31 -34.25
C LYS B 457 19.59 -4.41 -34.99
N ALA B 458 19.92 -3.12 -35.02
CA ALA B 458 19.26 -2.18 -35.90
C ALA B 458 19.65 -2.43 -37.36
N PRO B 459 18.83 -1.97 -38.30
CA PRO B 459 19.17 -2.08 -39.73
C PRO B 459 20.60 -1.73 -40.09
N ASP B 460 21.11 -0.63 -39.54
CA ASP B 460 22.47 -0.19 -39.81
C ASP B 460 23.51 -0.96 -39.05
N GLY B 461 23.15 -2.11 -38.49
CA GLY B 461 24.07 -2.92 -37.73
C GLY B 461 24.39 -2.44 -36.32
N GLY B 462 23.87 -1.29 -35.89
CA GLY B 462 24.07 -0.88 -34.52
C GLY B 462 23.29 -1.75 -33.53
N LYS B 463 23.64 -1.63 -32.26
CA LYS B 463 22.99 -2.43 -31.24
C LYS B 463 21.57 -1.93 -30.99
N HIS B 464 20.66 -2.88 -30.90
CA HIS B 464 19.26 -2.66 -30.51
C HIS B 464 19.08 -3.15 -29.07
N THR B 465 18.97 -2.20 -28.14
CA THR B 465 18.88 -2.51 -26.71
C THR B 465 17.51 -2.29 -26.10
N ALA B 466 16.44 -2.35 -26.89
CA ALA B 466 15.12 -2.02 -26.40
C ALA B 466 14.20 -3.20 -26.56
N HIS B 467 13.06 -3.08 -25.89
CA HIS B 467 11.92 -3.96 -26.13
C HIS B 467 11.40 -3.70 -27.54
N THR B 468 10.48 -4.57 -27.96
CA THR B 468 9.97 -4.61 -29.31
C THR B 468 8.45 -4.65 -29.27
N CYS B 469 7.88 -4.53 -30.47
CA CYS B 469 6.45 -4.64 -30.70
C CYS B 469 6.07 -5.99 -31.29
N TYR B 470 6.97 -6.96 -31.28
CA TYR B 470 6.63 -8.27 -31.80
C TYR B 470 5.66 -8.98 -30.89
N ARG B 471 5.01 -9.99 -31.45
CA ARG B 471 4.17 -10.83 -30.65
C ARG B 471 5.02 -11.75 -29.77
N VAL B 472 4.39 -12.37 -28.79
CA VAL B 472 5.07 -13.32 -27.92
C VAL B 472 4.37 -14.67 -28.06
N PRO B 473 5.06 -15.76 -27.76
CA PRO B 473 4.42 -17.07 -27.85
C PRO B 473 3.47 -17.29 -26.68
N LEU B 474 2.54 -18.23 -26.89
CA LEU B 474 1.84 -18.91 -25.82
C LEU B 474 1.79 -20.38 -26.20
N THR B 475 2.41 -21.24 -25.41
CA THR B 475 2.42 -22.66 -25.67
C THR B 475 1.49 -23.36 -24.72
N LEU B 476 1.24 -24.64 -25.03
CA LEU B 476 0.44 -25.48 -24.14
C LEU B 476 0.78 -26.93 -24.42
N SER B 477 1.30 -27.64 -23.41
CA SER B 477 1.64 -29.04 -23.60
C SER B 477 0.43 -29.95 -23.52
N HIS B 478 -0.70 -29.49 -23.02
CA HIS B 478 -1.89 -30.34 -22.92
C HIS B 478 -2.50 -30.55 -24.30
N PRO B 479 -2.61 -31.79 -24.78
CA PRO B 479 -3.15 -32.01 -26.14
C PRO B 479 -4.66 -31.91 -26.22
N GLY B 480 -5.37 -32.03 -25.08
CA GLY B 480 -6.81 -31.94 -25.01
C GLY B 480 -7.44 -30.59 -25.29
N PHE B 481 -6.65 -29.63 -25.77
CA PHE B 481 -7.12 -28.27 -26.04
C PHE B 481 -6.45 -27.79 -27.31
N LYS B 482 -7.16 -26.96 -28.08
CA LYS B 482 -6.63 -26.33 -29.29
C LYS B 482 -6.75 -24.82 -29.12
N PHE B 483 -5.79 -24.08 -29.66
CA PHE B 483 -5.84 -22.63 -29.58
C PHE B 483 -6.78 -22.08 -30.65
N VAL B 484 -7.45 -20.99 -30.31
CA VAL B 484 -8.40 -20.30 -31.18
C VAL B 484 -8.26 -18.81 -30.92
N ASP B 485 -8.25 -18.00 -31.98
CA ASP B 485 -8.26 -16.55 -31.78
C ASP B 485 -9.60 -16.09 -31.23
N PRO B 486 -9.64 -14.93 -30.56
CA PRO B 486 -10.93 -14.29 -30.29
C PRO B 486 -11.56 -13.78 -31.57
N ALA B 487 -12.86 -13.49 -31.48
CA ALA B 487 -13.62 -13.16 -32.68
C ALA B 487 -13.26 -11.78 -33.21
N ASP B 488 -13.11 -10.80 -32.32
CA ASP B 488 -13.05 -9.39 -32.69
C ASP B 488 -11.66 -8.77 -32.60
N ARG B 489 -10.64 -9.52 -32.18
CA ARG B 489 -9.33 -8.92 -31.95
C ARG B 489 -8.24 -9.97 -31.94
N HIS B 490 -7.01 -9.50 -32.09
CA HIS B 490 -5.86 -10.34 -31.82
C HIS B 490 -5.92 -10.90 -30.39
N PRO B 491 -5.44 -12.13 -30.16
CA PRO B 491 -5.20 -12.55 -28.78
C PRO B 491 -4.11 -11.69 -28.18
N ALA B 492 -4.12 -11.57 -26.85
CA ALA B 492 -3.16 -10.71 -26.17
C ALA B 492 -2.93 -11.21 -24.75
N LEU B 493 -2.01 -10.55 -24.04
CA LEU B 493 -1.65 -10.96 -22.70
C LEU B 493 -2.85 -11.01 -21.79
N CYS B 494 -3.85 -10.13 -22.02
CA CYS B 494 -5.06 -10.17 -21.20
C CYS B 494 -5.77 -11.50 -21.30
N ASP B 495 -5.42 -12.34 -22.27
CA ASP B 495 -6.09 -13.62 -22.46
C ASP B 495 -5.39 -14.79 -21.79
N VAL B 496 -4.21 -14.58 -21.19
CA VAL B 496 -3.46 -15.72 -20.65
C VAL B 496 -4.12 -16.26 -19.40
N ALA B 497 -4.48 -15.39 -18.47
CA ALA B 497 -5.10 -15.85 -17.23
C ALA B 497 -6.45 -16.52 -17.45
N PRO B 498 -7.36 -15.98 -18.26
CA PRO B 498 -8.57 -16.74 -18.61
C PRO B 498 -8.26 -18.11 -19.18
N THR B 499 -7.28 -18.20 -20.09
CA THR B 499 -6.91 -19.50 -20.65
C THR B 499 -6.37 -20.45 -19.56
N VAL B 500 -5.47 -19.97 -18.71
CA VAL B 500 -4.99 -20.79 -17.60
C VAL B 500 -6.17 -21.37 -16.83
N LEU B 501 -7.16 -20.53 -16.49
CA LEU B 501 -8.24 -21.01 -15.63
C LEU B 501 -9.12 -22.03 -16.36
N ALA B 502 -9.37 -21.79 -17.63
CA ALA B 502 -10.12 -22.76 -18.43
C ALA B 502 -9.48 -24.14 -18.32
N ILE B 503 -8.15 -24.21 -18.49
CA ILE B 503 -7.45 -25.48 -18.47
C ILE B 503 -7.48 -26.09 -17.10
N MET B 504 -7.30 -25.26 -16.07
CA MET B 504 -7.34 -25.76 -14.70
C MET B 504 -8.72 -26.26 -14.31
N GLY B 505 -9.76 -25.90 -15.06
CA GLY B 505 -11.12 -26.27 -14.70
C GLY B 505 -11.78 -25.35 -13.72
N LEU B 506 -11.37 -24.10 -13.68
CA LEU B 506 -11.88 -23.20 -12.68
C LEU B 506 -12.72 -22.12 -13.34
N PRO B 507 -13.66 -21.54 -12.61
CA PRO B 507 -14.48 -20.46 -13.19
C PRO B 507 -13.64 -19.20 -13.43
N GLN B 508 -14.17 -18.36 -14.29
CA GLN B 508 -13.54 -17.08 -14.61
C GLN B 508 -14.32 -15.98 -13.92
N PRO B 509 -13.65 -15.04 -13.25
CA PRO B 509 -14.40 -13.97 -12.58
C PRO B 509 -14.88 -12.93 -13.57
N ALA B 510 -15.95 -12.25 -13.16
CA ALA B 510 -16.52 -11.18 -13.98
C ALA B 510 -15.46 -10.17 -14.37
N GLU B 511 -14.62 -9.78 -13.42
CA GLU B 511 -13.67 -8.70 -13.68
C GLU B 511 -12.59 -9.04 -14.68
N MET B 512 -12.39 -10.32 -15.03
CA MET B 512 -11.45 -10.65 -16.09
C MET B 512 -12.20 -10.52 -17.42
N THR B 513 -12.02 -9.41 -18.10
CA THR B 513 -12.69 -9.19 -19.38
C THR B 513 -11.91 -9.76 -20.55
N GLY B 514 -10.70 -10.30 -20.32
CA GLY B 514 -10.10 -11.16 -21.30
C GLY B 514 -10.89 -12.45 -21.48
N VAL B 515 -10.53 -13.18 -22.54
CA VAL B 515 -11.21 -14.42 -22.89
C VAL B 515 -10.18 -15.54 -23.02
N SER B 516 -10.63 -16.75 -22.68
CA SER B 516 -9.85 -17.94 -22.95
C SER B 516 -9.71 -18.14 -24.45
N ILE B 517 -8.53 -18.58 -24.89
CA ILE B 517 -8.28 -18.77 -26.32
C ILE B 517 -7.94 -20.23 -26.55
N VAL B 518 -8.67 -21.13 -25.87
CA VAL B 518 -8.60 -22.55 -26.17
C VAL B 518 -10.01 -23.16 -26.17
N GLN B 519 -10.16 -24.25 -26.93
CA GLN B 519 -11.34 -25.12 -26.92
C GLN B 519 -10.95 -26.52 -26.51
N LYS B 520 -11.75 -27.14 -25.62
CA LYS B 520 -11.55 -28.56 -25.31
C LYS B 520 -11.86 -29.38 -26.58
N ILE B 521 -11.60 -30.68 -26.52
CA ILE B 521 -11.82 -31.53 -27.70
C ILE B 521 -12.57 -32.82 -27.36
C ACE C 1 4.50 1.45 11.90
O ACE C 1 4.89 2.30 11.11
CH3 ACE C 1 5.41 0.90 13.00
N DTY C 2 3.28 0.97 11.82
CA DTY C 2 2.35 1.47 10.81
C DTY C 2 2.21 0.58 9.59
O DTY C 2 1.32 0.79 8.79
CB DTY C 2 0.96 1.72 11.41
CG DTY C 2 0.96 2.76 12.49
CD1 DTY C 2 1.65 3.95 12.30
CD2 DTY C 2 0.32 2.56 13.72
CE1 DTY C 2 1.69 4.90 13.28
CE2 DTY C 2 0.35 3.51 14.70
CZ DTY C 2 1.03 4.68 14.48
OH DTY C 2 1.08 5.64 15.45
N ASP C 3 3.11 -0.38 9.44
CA ASP C 3 3.16 -1.21 8.24
C ASP C 3 2.03 -2.20 8.16
N TYR C 4 1.58 -2.70 9.31
CA TYR C 4 0.47 -3.64 9.32
C TYR C 4 -0.32 -3.51 10.62
N PRO C 5 -1.62 -3.80 10.58
CA PRO C 5 -2.45 -3.64 11.78
C PRO C 5 -1.96 -4.52 12.90
N GLY C 6 -1.73 -3.93 14.06
CA GLY C 6 -1.26 -4.66 15.21
C GLY C 6 0.25 -4.67 15.35
N ASP C 7 0.98 -4.05 14.43
CA ASP C 7 2.43 -4.01 14.56
C ASP C 7 2.82 -3.09 15.72
N PHE C 8 4.13 -2.98 15.95
CA PHE C 8 4.61 -2.36 17.18
C PHE C 8 4.18 -0.91 17.33
N CYS C 9 3.92 -0.22 16.22
CA CYS C 9 3.58 1.21 16.34
C CYS C 9 2.21 1.43 16.97
N TYR C 10 1.35 0.41 16.98
CA TYR C 10 0.02 0.52 17.56
C TYR C 10 0.01 0.45 19.08
N LEU C 11 1.10 0.01 19.68
CA LEU C 11 1.16 -0.08 21.14
C LEU C 11 0.85 1.24 21.82
N TYR C 12 1.49 2.32 21.36
CA TYR C 12 1.27 3.66 21.88
C TYR C 12 0.76 4.66 20.86
N GLY C 13 0.89 4.39 19.55
CA GLY C 13 0.38 5.30 18.53
C GLY C 13 1.18 6.58 18.45
N THR C 14 0.54 7.60 17.87
CA THR C 14 1.19 8.90 17.76
C THR C 14 1.22 9.62 19.10
N CYS C 15 0.15 9.49 19.88
CA CYS C 15 0.01 10.32 21.08
C CYS C 15 -0.51 9.53 22.29
N NH2 C 16 -0.37 8.21 22.27
C ACE D 1 5.13 5.23 -10.36
O ACE D 1 5.86 5.23 -9.37
CH3 ACE D 1 5.19 6.33 -11.38
N DTY D 2 4.29 4.22 -10.60
CA DTY D 2 4.22 3.07 -9.70
C DTY D 2 3.08 3.08 -8.67
O DTY D 2 2.80 2.06 -8.05
CB DTY D 2 4.20 1.77 -10.54
CG DTY D 2 5.40 1.58 -11.46
CD1 DTY D 2 6.72 1.71 -10.99
CD2 DTY D 2 5.24 1.29 -12.79
CE1 DTY D 2 7.82 1.55 -11.83
CE2 DTY D 2 6.31 1.14 -13.64
CZ DTY D 2 7.59 1.27 -13.17
OH DTY D 2 8.63 1.10 -14.07
N ASP D 3 2.45 4.25 -8.49
CA ASP D 3 1.46 4.47 -7.43
C ASP D 3 0.14 3.74 -7.68
N TYR D 4 -0.30 3.67 -8.94
CA TYR D 4 -1.54 2.98 -9.26
C TYR D 4 -1.40 2.34 -10.64
N PRO D 5 -2.02 1.19 -10.86
CA PRO D 5 -1.98 0.57 -12.19
C PRO D 5 -2.42 1.52 -13.26
N GLY D 6 -1.56 1.76 -14.24
CA GLY D 6 -1.91 2.60 -15.36
C GLY D 6 -1.26 3.96 -15.35
N ASP D 7 -0.46 4.28 -14.34
CA ASP D 7 0.00 5.66 -14.18
C ASP D 7 1.22 5.87 -15.06
N PHE D 8 1.75 7.09 -15.02
CA PHE D 8 2.72 7.47 -16.04
C PHE D 8 3.93 6.54 -16.08
N CYS D 9 4.27 5.87 -14.97
CA CYS D 9 5.48 5.05 -14.95
C CYS D 9 5.33 3.79 -15.80
N TYR D 10 4.10 3.30 -16.00
CA TYR D 10 3.87 2.15 -16.86
C TYR D 10 4.10 2.43 -18.35
N LEU D 11 4.26 3.70 -18.76
CA LEU D 11 4.45 3.97 -20.20
C LEU D 11 5.71 3.32 -20.73
N TYR D 12 6.80 3.38 -19.96
CA TYR D 12 8.09 2.81 -20.34
C TYR D 12 8.66 1.84 -19.34
N GLY D 13 8.16 1.83 -18.10
CA GLY D 13 8.55 0.84 -17.14
C GLY D 13 9.96 1.12 -16.68
N THR D 14 10.61 0.09 -16.13
CA THR D 14 11.99 0.23 -15.72
C THR D 14 12.95 0.17 -16.89
N CYS D 15 12.61 -0.57 -17.93
CA CYS D 15 13.55 -0.81 -19.01
C CYS D 15 12.92 -0.85 -20.40
N NH2 D 16 11.69 -0.36 -20.49
CL CL E . 15.04 -0.88 21.64
CL CL F . 14.86 0.73 19.27
NA NA G . -20.01 18.97 31.53
NA NA H . -5.40 13.54 30.12
ZN ZN I . -7.65 9.49 19.74
ZN ZN J . -3.98 11.44 21.77
CL CL K . 8.25 17.20 -18.19
CL CL L . 10.12 16.18 -15.68
NA NA M . 17.01 -20.90 -31.91
NA NA N . 16.59 -5.75 -28.36
ZN ZN O . 10.07 -7.76 -19.30
ZN ZN P . 13.51 -4.79 -20.33
#